data_6OIJ
#
_entry.id   6OIJ
#
_cell.length_a   1
_cell.length_b   1
_cell.length_c   1
_cell.angle_alpha   90
_cell.angle_beta   90
_cell.angle_gamma   90
#
_symmetry.space_group_name_H-M   'P 1'
#
loop_
_entity.id
_entity.type
_entity.pdbx_description
1 polymer 'Guanine nucleotide-binding protein G(i) subunit alpha-1,Guanine nucleotide-binding protein subunit alpha-11'
2 polymer 'Muscarinic acetylcholine receptor M1'
3 polymer 'Antibody fragment'
4 polymer 'Guanine nucleotide-binding protein G(I)/G(S)/G(T) subunit beta-1'
5 polymer 'Guanine nucleotide-binding protein G(I)/G(S)/G(O) subunit gamma-2'
6 non-polymer 4-(4,5-dihydro-1,2-oxazol-3-yloxy)-N,N,N-trimethylbut-2-yn-1-aminium
7 non-polymer 'CHOLESTEROL HEMISUCCINATE'
#
loop_
_entity_poly.entity_id
_entity_poly.type
_entity_poly.pdbx_seq_one_letter_code
_entity_poly.pdbx_strand_id
1 'polypeptide(L)'
;MGCTLSAEDKAAVERSKMIDRNLREDGEKARRELKLLLLGTGESGKSTFIKQMRIIHGAGYSEEDKRGFTKLVYQNIFTA
MQAMIRAMETLKILYKYEQNKANALLIREVDVEKVTTFEHQYVSAIKTLWEDPGIQECYDRRREYQLSDSAKYYLTDVDR
IATLGYLPTQQDVLRVRVPTTGIIEYPFDLENIIFRMVDVGGQRSERRKWIHCFENVTSIMFLVALSEYDQVLVESDNEN
RMEESKALFRTIITYPWFQNSSVILFLNKKDLLEDKILYSHLVDYFPEFDGPQRDAQAAREFILKMFVDLNPDSDKIIYS
HFTCATDTENIRFVFAAVKDTILQLNLKEYNLV
;
A
2 'polypeptide(L)'
;DYKDDDDAAAQTSAPPAVSPQITVLAPGKGPWQVAFIGITTGLLSLATVTGNLLVLISFKVNTELKTVNNYFLLSLACAD
LIIGTFSMNLYTTYLLMGHWALGTLACDLWLALDYVASQASVMNLLLISFDRYFSVTRPLSYRAKRTPRRAALMIGLAWL
VSFVLWAPAILFWQYLVGERTVLAGQCYIQFLSQPIITFGTAMAAFYLPVTVMCTLYWRIYRETENRARELAALQGSETP
GGKEQLAKRKTFSLVKEKKAARTLSAILLAFILTWTPYNIMVLVSTFCKDCVPETLWELGYWLCYVNSTINPMCYALCNK
AFRDTFRLLLLCRWDKRRWRKIPKRPGSVHRTPSRQCHHHHHH
;
R
3 'polypeptide(L)'
;DVQLVESGGGLVQPGGSRKLSCSASGFAFSSFGMHWVRQAPEKGLEWVAYISSGSGTIYYADTVKGRFTISRDDPKNTLF
LQMTSLRSEDTAMYYCVRSIYYYGSSPFDFWGQGTTLTVSSGGGGSGGGGSGGGGSDIVMTQATSSVPVTPGESVSISCR
SSKSLLHSNGNTYLYWFLQRPGQSPQLLIYRMSNLASGVPDRFSGSGSGTAFTLTISRLEAEDVGVYYCMQHLEYPLTFG
AGTKLELKGSLEVLFQ
;
H
4 'polypeptide(L)'
;GPGSSGSELDQLRQEAEQLKNQIRDARKACADATLSQITNNIDPVGRIQMRTRRTLRGHLAKIYAMHWGTDSRLLVSASQ
DGKLIIWDSYTTNKVHAIPLRSSWVMTCAYAPSGNYVACGGLDNICSIYNLKTREGNVRVSRELAGHTGYLSCCRFLDDN
QIVTSSGDTTCALWDIETGQQTTTFTGHTGDVMSLSLAPDTRLFVSGACDASAKLWDVREGMCRQTFTGHESDINAICFF
PNGNAFATGSDDATCRLFDLRADQELMTYSHDNIICGITSVSFSKSGRLLLAGYDDFNCNVWDALKADRAGVLAGHDNRV
SCLGVTDDGMAVATGSWDSFLKIWN
;
B
5 'polypeptide(L)' MASNNTASIAQARKLVEQLKMEANIDRIKVSKAAADLMAYCEAHAKEDPLLTPVPASENPFREKKFFCAIL G
#
loop_
_chem_comp.id
_chem_comp.type
_chem_comp.name
_chem_comp.formula
IXO non-polymer 4-(4,5-dihydro-1,2-oxazol-3-yloxy)-N,N,N-trimethylbut-2-yn-1-aminium 'C10 H17 N2 O2 1'
Y01 non-polymer 'CHOLESTEROL HEMISUCCINATE' 'C31 H50 O4'
#
# COMPACT_ATOMS: atom_id res chain seq x y z
N CYS A 3 0.22 19.49 21.72
CA CYS A 3 0.27 18.04 21.81
C CYS A 3 0.30 17.57 23.26
N THR A 4 -0.22 16.36 23.49
CA THR A 4 -0.16 15.70 24.79
C THR A 4 0.56 14.37 24.69
N LEU A 5 1.50 14.27 23.74
CA LEU A 5 2.26 13.05 23.52
C LEU A 5 3.48 13.03 24.43
N SER A 6 3.97 11.83 24.72
CA SER A 6 5.13 11.69 25.58
C SER A 6 6.40 12.10 24.82
N ALA A 7 7.50 12.15 25.57
CA ALA A 7 8.80 12.33 24.94
C ALA A 7 9.18 11.10 24.12
N GLU A 8 8.76 9.93 24.57
CA GLU A 8 8.99 8.71 23.81
C GLU A 8 7.99 8.55 22.67
N ASP A 9 6.80 9.12 22.83
CA ASP A 9 5.76 8.92 21.84
C ASP A 9 5.99 9.82 20.63
N LYS A 10 6.50 11.03 20.85
CA LYS A 10 6.76 11.95 19.75
C LYS A 10 7.87 11.44 18.85
N ALA A 11 8.86 10.75 19.41
CA ALA A 11 9.91 10.16 18.58
C ALA A 11 9.38 8.99 17.78
N ALA A 12 8.33 8.32 18.28
CA ALA A 12 7.67 7.29 17.49
C ALA A 12 6.92 7.89 16.30
N VAL A 13 6.34 9.08 16.46
CA VAL A 13 5.66 9.72 15.35
C VAL A 13 6.67 10.24 14.33
N GLU A 14 7.81 10.73 14.81
CA GLU A 14 8.87 11.13 13.87
C GLU A 14 9.46 9.93 13.14
N ARG A 15 9.56 8.79 13.82
CA ARG A 15 9.98 7.55 13.15
C ARG A 15 8.97 7.11 12.11
N SER A 16 7.68 7.18 12.44
CA SER A 16 6.62 6.83 11.49
C SER A 16 6.65 7.74 10.26
N LYS A 17 6.94 9.03 10.45
CA LYS A 17 7.02 9.93 9.31
C LYS A 17 8.26 9.68 8.47
N MET A 18 9.37 9.29 9.09
CA MET A 18 10.53 8.89 8.30
C MET A 18 10.28 7.59 7.54
N ILE A 19 9.51 6.68 8.13
CA ILE A 19 9.11 5.45 7.45
C ILE A 19 8.24 5.79 6.23
N ASP A 20 7.27 6.71 6.41
CA ASP A 20 6.48 7.25 5.30
C ASP A 20 7.33 7.85 4.20
N ARG A 21 8.37 8.59 4.57
CA ARG A 21 9.28 9.18 3.61
C ARG A 21 9.98 8.11 2.77
N ASN A 22 10.44 7.03 3.42
CA ASN A 22 11.08 5.96 2.66
C ASN A 22 10.08 5.16 1.83
N LEU A 23 8.84 5.01 2.30
CA LEU A 23 7.83 4.30 1.52
C LEU A 23 7.45 5.08 0.26
N ARG A 24 7.35 6.40 0.36
CA ARG A 24 7.05 7.19 -0.84
C ARG A 24 8.25 7.25 -1.78
N GLU A 25 9.46 7.32 -1.23
CA GLU A 25 10.65 7.31 -2.07
C GLU A 25 10.93 5.95 -2.70
N ASP A 26 10.31 4.88 -2.22
CA ASP A 26 10.35 3.60 -2.93
C ASP A 26 9.17 3.42 -3.87
N GLY A 27 8.02 4.01 -3.56
CA GLY A 27 6.87 3.90 -4.44
C GLY A 27 7.04 4.69 -5.73
N GLU A 28 7.58 5.91 -5.62
CA GLU A 28 7.91 6.68 -6.82
C GLU A 28 9.29 6.35 -7.36
N LYS A 29 9.83 5.19 -7.01
CA LYS A 29 10.92 4.54 -7.69
C LYS A 29 10.48 3.25 -8.37
N ALA A 30 9.53 2.53 -7.78
CA ALA A 30 8.93 1.36 -8.42
C ALA A 30 7.77 1.71 -9.34
N ARG A 31 7.39 2.99 -9.39
CA ARG A 31 6.53 3.49 -10.46
C ARG A 31 7.30 3.78 -11.73
N ARG A 32 8.63 3.75 -11.67
CA ARG A 32 9.46 4.20 -12.79
C ARG A 32 9.72 3.08 -13.79
N GLU A 33 10.11 1.90 -13.30
CA GLU A 33 10.35 0.77 -14.20
C GLU A 33 9.03 0.14 -14.62
N LEU A 34 9.03 -0.43 -15.82
CA LEU A 34 7.81 -0.91 -16.45
C LEU A 34 7.73 -2.43 -16.36
N LYS A 35 6.60 -2.95 -15.90
CA LYS A 35 6.43 -4.38 -15.71
C LYS A 35 5.96 -5.05 -17.00
N LEU A 36 6.57 -6.19 -17.32
CA LEU A 36 6.22 -6.96 -18.52
C LEU A 36 6.05 -8.41 -18.13
N LEU A 37 4.84 -8.95 -18.29
CA LEU A 37 4.56 -10.33 -17.89
C LEU A 37 4.93 -11.25 -19.04
N LEU A 38 6.13 -11.85 -18.99
CA LEU A 38 6.50 -12.79 -20.03
C LEU A 38 5.95 -14.17 -19.70
N LEU A 39 5.25 -14.78 -20.66
CA LEU A 39 4.79 -16.15 -20.45
C LEU A 39 4.78 -16.90 -21.77
N GLY A 40 5.45 -18.04 -21.81
CA GLY A 40 5.54 -18.85 -23.00
C GLY A 40 5.85 -20.30 -22.70
N THR A 41 5.08 -21.22 -23.27
CA THR A 41 5.16 -22.63 -22.94
C THR A 41 5.47 -23.45 -24.19
N GLY A 42 5.43 -24.78 -24.03
CA GLY A 42 5.55 -25.69 -25.15
C GLY A 42 6.94 -25.84 -25.74
N GLU A 43 7.98 -25.59 -24.93
CA GLU A 43 9.38 -25.55 -25.35
C GLU A 43 9.57 -24.60 -26.52
N SER A 44 9.32 -23.32 -26.22
CA SER A 44 9.40 -22.26 -27.20
C SER A 44 10.74 -21.53 -27.18
N GLY A 45 11.73 -22.05 -26.46
CA GLY A 45 13.03 -21.42 -26.42
C GLY A 45 13.08 -20.16 -25.57
N LYS A 46 12.38 -20.16 -24.44
CA LYS A 46 12.34 -18.98 -23.57
C LYS A 46 13.69 -18.73 -22.92
N SER A 47 14.45 -19.79 -22.63
CA SER A 47 15.75 -19.63 -22.01
C SER A 47 16.73 -18.95 -22.95
N THR A 48 16.82 -19.42 -24.19
CA THR A 48 17.68 -18.75 -25.16
C THR A 48 17.11 -17.41 -25.60
N PHE A 49 15.80 -17.20 -25.44
CA PHE A 49 15.19 -15.90 -25.73
C PHE A 49 15.67 -14.84 -24.74
N ILE A 50 15.56 -15.14 -23.44
CA ILE A 50 16.01 -14.22 -22.41
C ILE A 50 17.53 -14.07 -22.44
N LYS A 51 18.25 -15.17 -22.72
CA LYS A 51 19.70 -15.10 -22.80
C LYS A 51 20.15 -14.27 -24.01
N GLN A 52 19.40 -14.33 -25.11
CA GLN A 52 19.72 -13.53 -26.29
C GLN A 52 19.50 -12.05 -26.00
N MET A 53 18.38 -11.71 -25.36
CA MET A 53 18.10 -10.32 -25.01
C MET A 53 19.13 -9.77 -24.03
N ARG A 54 19.52 -10.57 -23.04
CA ARG A 54 20.48 -10.11 -22.05
C ARG A 54 21.91 -10.12 -22.56
N ILE A 55 22.23 -10.90 -23.59
CA ILE A 55 23.59 -10.88 -24.11
C ILE A 55 23.78 -9.80 -25.17
N ILE A 56 22.70 -9.40 -25.87
CA ILE A 56 22.82 -8.20 -26.70
C ILE A 56 22.73 -6.94 -25.83
N HIS A 57 21.87 -6.95 -24.82
CA HIS A 57 21.81 -5.83 -23.90
C HIS A 57 23.02 -5.86 -22.96
N GLY A 58 23.22 -4.75 -22.24
CA GLY A 58 24.32 -4.63 -21.30
C GLY A 58 23.86 -4.47 -19.87
N THR A 181 13.17 -22.57 -10.48
CA THR A 181 12.34 -23.04 -9.37
C THR A 181 11.21 -22.07 -9.07
N GLY A 182 11.57 -20.82 -8.74
CA GLY A 182 10.61 -19.79 -8.46
C GLY A 182 10.47 -18.80 -9.59
N ILE A 183 9.74 -17.72 -9.32
CA ILE A 183 9.56 -16.66 -10.29
C ILE A 183 10.88 -15.90 -10.45
N ILE A 184 11.13 -15.39 -11.66
CA ILE A 184 12.37 -14.69 -11.96
C ILE A 184 12.01 -13.32 -12.49
N GLU A 185 12.81 -12.31 -12.13
CA GLU A 185 12.60 -10.94 -12.60
C GLU A 185 13.88 -10.47 -13.27
N TYR A 186 13.79 -10.09 -14.55
CA TYR A 186 14.98 -9.60 -15.22
C TYR A 186 14.91 -8.09 -15.39
N PRO A 187 15.99 -7.38 -15.14
CA PRO A 187 16.01 -5.93 -15.38
C PRO A 187 16.55 -5.59 -16.77
N PHE A 188 16.15 -4.41 -17.25
CA PHE A 188 16.59 -3.91 -18.53
C PHE A 188 16.76 -2.40 -18.45
N ASP A 189 17.87 -1.89 -18.97
CA ASP A 189 18.19 -0.46 -18.93
C ASP A 189 18.48 0.03 -20.34
N LEU A 190 17.45 0.43 -21.07
CA LEU A 190 17.58 0.85 -22.45
C LEU A 190 17.03 2.27 -22.60
N GLU A 191 17.80 3.13 -23.29
CA GLU A 191 17.44 4.53 -23.56
C GLU A 191 17.15 5.29 -22.27
N ASN A 192 17.92 4.95 -21.23
CA ASN A 192 17.80 5.50 -19.87
C ASN A 192 16.41 5.28 -19.27
N ILE A 193 15.69 4.26 -19.72
CA ILE A 193 14.46 3.84 -19.07
C ILE A 193 14.63 2.36 -18.74
N ILE A 194 13.86 1.88 -17.76
CA ILE A 194 14.15 0.62 -17.12
C ILE A 194 12.90 -0.25 -17.08
N PHE A 195 13.06 -1.50 -17.51
CA PHE A 195 12.01 -2.50 -17.56
C PHE A 195 12.30 -3.61 -16.55
N ARG A 196 11.23 -4.19 -16.04
CA ARG A 196 11.28 -5.40 -15.24
C ARG A 196 10.43 -6.43 -15.98
N MET A 197 11.07 -7.43 -16.56
CA MET A 197 10.39 -8.50 -17.26
C MET A 197 10.26 -9.67 -16.31
N VAL A 198 9.05 -9.93 -15.85
CA VAL A 198 8.82 -11.03 -14.92
C VAL A 198 8.54 -12.31 -15.70
N ASP A 199 9.44 -13.27 -15.56
CA ASP A 199 9.28 -14.59 -16.11
C ASP A 199 8.70 -15.49 -15.04
N VAL A 200 7.61 -16.16 -15.36
CA VAL A 200 6.99 -17.11 -14.47
C VAL A 200 6.66 -18.37 -15.29
N GLY A 201 7.53 -19.37 -15.19
CA GLY A 201 7.34 -20.61 -15.90
C GLY A 201 7.82 -21.78 -15.08
N GLY A 202 8.28 -21.49 -13.87
CA GLY A 202 8.72 -22.52 -12.96
C GLY A 202 7.64 -22.87 -11.96
N GLN A 203 6.40 -22.55 -12.29
CA GLN A 203 5.25 -22.81 -11.43
C GLN A 203 4.58 -24.10 -11.87
N ARG A 204 4.50 -25.06 -10.95
CA ARG A 204 3.67 -26.25 -11.12
C ARG A 204 2.30 -26.06 -10.49
N SER A 205 1.79 -24.84 -10.46
CA SER A 205 0.54 -24.50 -9.81
C SER A 205 -0.46 -23.98 -10.82
N GLU A 206 -1.69 -23.80 -10.34
CA GLU A 206 -2.78 -23.35 -11.19
C GLU A 206 -2.67 -21.86 -11.42
N ARG A 207 -2.66 -21.44 -12.69
CA ARG A 207 -2.56 -20.03 -13.02
C ARG A 207 -3.87 -19.28 -12.87
N ARG A 208 -4.96 -19.95 -12.50
CA ARG A 208 -6.19 -19.25 -12.19
C ARG A 208 -6.10 -18.49 -10.88
N LYS A 209 -5.12 -18.80 -10.04
CA LYS A 209 -5.05 -18.27 -8.68
C LYS A 209 -4.01 -17.17 -8.51
N TRP A 210 -2.89 -17.20 -9.23
CA TRP A 210 -1.86 -16.20 -9.06
C TRP A 210 -1.79 -15.19 -10.20
N ILE A 211 -2.73 -15.23 -11.14
CA ILE A 211 -2.64 -14.29 -12.25
C ILE A 211 -3.16 -12.91 -11.87
N HIS A 212 -3.99 -12.81 -10.82
CA HIS A 212 -4.44 -11.50 -10.37
C HIS A 212 -3.33 -10.69 -9.70
N CYS A 213 -2.16 -11.29 -9.49
CA CYS A 213 -0.95 -10.55 -9.14
C CYS A 213 -0.54 -9.57 -10.22
N PHE A 214 -1.01 -9.73 -11.46
CA PHE A 214 -0.62 -8.88 -12.58
C PHE A 214 -1.84 -8.18 -13.15
N GLU A 215 -2.65 -7.58 -12.27
CA GLU A 215 -3.88 -6.93 -12.71
C GLU A 215 -3.61 -5.69 -13.54
N ASN A 216 -2.51 -5.00 -13.28
CA ASN A 216 -2.04 -3.97 -14.21
C ASN A 216 -0.56 -4.21 -14.44
N VAL A 217 -0.26 -5.12 -15.34
CA VAL A 217 1.03 -5.18 -15.99
C VAL A 217 0.89 -4.34 -17.25
N THR A 218 1.99 -3.85 -17.79
CA THR A 218 1.85 -3.00 -18.96
C THR A 218 1.65 -3.81 -20.22
N SER A 219 2.25 -5.00 -20.33
CA SER A 219 2.08 -5.81 -21.52
C SER A 219 2.41 -7.26 -21.20
N ILE A 220 1.66 -8.16 -21.84
CA ILE A 220 1.94 -9.59 -21.76
C ILE A 220 2.82 -9.96 -22.94
N MET A 221 4.02 -10.46 -22.66
CA MET A 221 4.94 -10.91 -23.70
C MET A 221 4.70 -12.39 -23.92
N PHE A 222 3.98 -12.72 -24.97
CA PHE A 222 3.84 -14.12 -25.38
C PHE A 222 5.03 -14.54 -26.22
N LEU A 223 5.39 -15.82 -26.10
CA LEU A 223 6.40 -16.41 -26.96
C LEU A 223 5.87 -17.74 -27.45
N VAL A 224 5.59 -17.84 -28.75
CA VAL A 224 5.19 -19.08 -29.40
C VAL A 224 6.23 -19.41 -30.44
N ALA A 225 6.60 -20.68 -30.56
CA ALA A 225 7.51 -21.08 -31.60
C ALA A 225 6.76 -21.31 -32.91
N LEU A 226 7.42 -20.95 -34.02
CA LEU A 226 6.78 -21.08 -35.33
C LEU A 226 6.66 -22.53 -35.76
N SER A 227 7.59 -23.38 -35.32
CA SER A 227 7.74 -24.72 -35.84
C SER A 227 6.86 -25.75 -35.15
N GLU A 228 6.18 -25.38 -34.06
CA GLU A 228 5.46 -26.37 -33.29
C GLU A 228 4.03 -26.58 -33.75
N TYR A 229 3.74 -26.28 -35.01
CA TYR A 229 2.69 -27.00 -35.72
C TYR A 229 3.22 -28.39 -36.07
N ASP A 230 2.29 -29.31 -36.31
CA ASP A 230 2.49 -30.78 -36.44
C ASP A 230 3.44 -31.37 -35.38
N GLN A 231 3.34 -30.88 -34.15
CA GLN A 231 4.04 -31.48 -33.02
C GLN A 231 3.03 -31.89 -31.98
N VAL A 232 2.86 -33.20 -31.81
CA VAL A 232 1.89 -33.73 -30.85
C VAL A 232 2.54 -33.90 -29.48
N ASP A 237 -1.43 -37.88 -24.84
CA ASP A 237 -2.56 -37.21 -25.49
C ASP A 237 -2.35 -37.13 -27.00
N ASN A 238 -3.37 -36.65 -27.71
CA ASN A 238 -3.30 -36.50 -29.17
C ASN A 238 -3.83 -35.12 -29.54
N GLU A 239 -2.94 -34.14 -29.55
CA GLU A 239 -3.25 -32.78 -29.99
C GLU A 239 -1.95 -32.09 -30.36
N ASN A 240 -2.02 -31.25 -31.39
CA ASN A 240 -0.88 -30.44 -31.78
C ASN A 240 -0.75 -29.27 -30.81
N ARG A 241 0.49 -29.01 -30.38
CA ARG A 241 0.68 -28.00 -29.34
C ARG A 241 0.62 -26.58 -29.86
N MET A 242 0.54 -26.38 -31.18
CA MET A 242 0.17 -25.07 -31.71
C MET A 242 -1.27 -24.73 -31.34
N GLU A 243 -2.15 -25.74 -31.36
CA GLU A 243 -3.52 -25.53 -30.90
C GLU A 243 -3.56 -25.29 -29.39
N GLU A 244 -2.66 -25.95 -28.65
CA GLU A 244 -2.60 -25.73 -27.20
C GLU A 244 -2.09 -24.33 -26.87
N SER A 245 -1.13 -23.82 -27.65
CA SER A 245 -0.69 -22.45 -27.44
C SER A 245 -1.73 -21.44 -27.87
N LYS A 246 -2.53 -21.77 -28.89
CA LYS A 246 -3.69 -20.95 -29.23
C LYS A 246 -4.68 -20.88 -28.07
N ALA A 247 -4.93 -22.02 -27.43
CA ALA A 247 -5.86 -22.06 -26.31
C ALA A 247 -5.32 -21.29 -25.11
N LEU A 248 -4.01 -21.40 -24.85
CA LEU A 248 -3.39 -20.65 -23.76
C LEU A 248 -3.45 -19.15 -24.04
N PHE A 249 -3.15 -18.74 -25.27
CA PHE A 249 -3.19 -17.34 -25.67
C PHE A 249 -4.58 -16.76 -25.49
N ARG A 250 -5.61 -17.50 -25.90
CA ARG A 250 -6.97 -17.03 -25.76
C ARG A 250 -7.40 -16.96 -24.30
N THR A 251 -7.09 -17.99 -23.51
CA THR A 251 -7.50 -17.98 -22.12
C THR A 251 -6.67 -17.03 -21.26
N ILE A 252 -5.54 -16.53 -21.75
CA ILE A 252 -4.83 -15.48 -21.03
C ILE A 252 -5.41 -14.12 -21.37
N ILE A 253 -5.55 -13.81 -22.67
CA ILE A 253 -6.01 -12.48 -23.03
C ILE A 253 -7.50 -12.26 -22.83
N THR A 254 -8.26 -13.31 -22.54
CA THR A 254 -9.66 -13.12 -22.17
C THR A 254 -9.88 -12.95 -20.66
N TYR A 255 -8.81 -12.93 -19.88
CA TYR A 255 -8.92 -12.63 -18.46
C TYR A 255 -9.30 -11.16 -18.23
N PRO A 256 -10.07 -10.87 -17.20
CA PRO A 256 -10.40 -9.47 -16.86
C PRO A 256 -9.28 -8.71 -16.17
N TRP A 257 -8.10 -9.30 -16.00
CA TRP A 257 -6.96 -8.62 -15.40
C TRP A 257 -6.07 -7.98 -16.44
N PHE A 258 -6.49 -7.92 -17.69
CA PHE A 258 -5.59 -7.44 -18.73
C PHE A 258 -6.31 -6.50 -19.69
N GLN A 259 -7.12 -5.58 -19.17
CA GLN A 259 -7.73 -4.57 -20.02
C GLN A 259 -6.71 -3.54 -20.47
N ASN A 260 -6.06 -2.88 -19.52
CA ASN A 260 -5.14 -1.79 -19.80
C ASN A 260 -3.79 -2.25 -20.31
N SER A 261 -3.58 -3.54 -20.52
CA SER A 261 -2.32 -4.07 -21.03
C SER A 261 -2.47 -4.41 -22.51
N SER A 262 -1.33 -4.50 -23.18
CA SER A 262 -1.26 -4.95 -24.55
C SER A 262 -0.69 -6.35 -24.61
N VAL A 263 -0.72 -6.94 -25.79
CA VAL A 263 -0.27 -8.32 -25.99
C VAL A 263 0.87 -8.27 -26.99
N ILE A 264 2.11 -8.21 -26.50
CA ILE A 264 3.27 -8.26 -27.38
C ILE A 264 3.55 -9.72 -27.70
N LEU A 265 3.33 -10.10 -28.95
CA LEU A 265 3.42 -11.50 -29.36
C LEU A 265 4.75 -11.71 -30.05
N PHE A 266 5.43 -12.80 -29.71
CA PHE A 266 6.67 -13.19 -30.37
C PHE A 266 6.49 -14.56 -31.00
N LEU A 267 7.03 -14.72 -32.20
CA LEU A 267 7.08 -16.00 -32.86
C LEU A 267 8.54 -16.34 -33.14
N ASN A 268 9.01 -17.44 -32.57
CA ASN A 268 10.41 -17.80 -32.57
C ASN A 268 10.66 -18.93 -33.56
N LYS A 269 11.94 -19.17 -33.87
CA LYS A 269 12.44 -20.21 -34.78
C LYS A 269 11.90 -20.03 -36.20
N LYS A 270 12.37 -18.96 -36.84
CA LYS A 270 12.03 -18.70 -38.24
C LYS A 270 12.67 -19.71 -39.19
N ASP A 271 13.96 -20.02 -38.97
CA ASP A 271 14.67 -20.88 -39.91
C ASP A 271 14.20 -22.32 -39.82
N LEU A 272 13.88 -22.78 -38.61
CA LEU A 272 13.29 -24.10 -38.46
C LEU A 272 11.92 -24.17 -39.12
N LEU A 273 11.15 -23.06 -39.09
CA LEU A 273 9.88 -23.00 -39.79
C LEU A 273 10.06 -23.12 -41.29
N GLU A 274 11.01 -22.37 -41.86
CA GLU A 274 11.16 -22.41 -43.31
C GLU A 274 11.74 -23.75 -43.78
N ASP A 275 12.59 -24.39 -42.97
CA ASP A 275 13.04 -25.73 -43.33
C ASP A 275 11.93 -26.76 -43.22
N LYS A 276 11.09 -26.65 -42.18
CA LYS A 276 9.98 -27.59 -42.03
C LYS A 276 8.88 -27.36 -43.06
N ILE A 277 8.81 -26.16 -43.64
CA ILE A 277 7.79 -25.91 -44.64
C ILE A 277 8.31 -26.11 -46.05
N LEU A 278 9.63 -26.14 -46.26
CA LEU A 278 10.13 -26.67 -47.52
C LEU A 278 10.18 -28.20 -47.49
N TYR A 279 10.21 -28.80 -46.31
CA TYR A 279 10.24 -30.25 -46.19
C TYR A 279 8.84 -30.85 -46.09
N SER A 280 8.10 -30.49 -45.05
CA SER A 280 6.79 -31.06 -44.78
C SER A 280 5.69 -30.19 -45.37
N HIS A 281 4.44 -30.49 -45.01
CA HIS A 281 3.28 -29.75 -45.48
C HIS A 281 2.50 -29.20 -44.29
N LEU A 282 1.63 -28.24 -44.58
CA LEU A 282 0.82 -27.59 -43.56
C LEU A 282 -0.68 -27.72 -43.80
N VAL A 283 -1.12 -27.93 -45.05
CA VAL A 283 -2.54 -27.92 -45.38
C VAL A 283 -3.30 -29.09 -44.78
N ASP A 284 -2.61 -30.20 -44.49
CA ASP A 284 -3.27 -31.34 -43.86
C ASP A 284 -3.37 -31.20 -42.34
N TYR A 285 -2.37 -30.58 -41.71
CA TYR A 285 -2.44 -30.37 -40.27
C TYR A 285 -3.34 -29.20 -39.92
N PHE A 286 -3.37 -28.17 -40.75
CA PHE A 286 -4.32 -27.07 -40.62
C PHE A 286 -5.09 -26.96 -41.92
N PRO A 287 -6.37 -27.33 -41.94
CA PRO A 287 -7.09 -27.38 -43.22
C PRO A 287 -7.45 -26.02 -43.79
N GLU A 288 -7.45 -24.96 -42.99
CA GLU A 288 -7.92 -23.66 -43.46
C GLU A 288 -6.88 -22.90 -44.25
N PHE A 289 -5.64 -23.38 -44.31
CA PHE A 289 -4.59 -22.70 -45.06
C PHE A 289 -4.80 -22.96 -46.55
N ASP A 290 -4.99 -21.89 -47.32
CA ASP A 290 -5.11 -21.96 -48.78
C ASP A 290 -3.97 -21.15 -49.37
N GLY A 291 -2.80 -21.77 -49.50
CA GLY A 291 -1.62 -21.08 -49.97
C GLY A 291 -0.65 -22.01 -50.66
N PRO A 292 0.51 -21.48 -51.04
CA PRO A 292 1.50 -22.31 -51.76
C PRO A 292 2.15 -23.33 -50.84
N GLN A 293 2.40 -24.51 -51.38
CA GLN A 293 2.89 -25.66 -50.62
C GLN A 293 4.35 -25.56 -50.24
N ARG A 294 5.09 -24.59 -50.77
CA ARG A 294 6.47 -24.35 -50.38
C ARG A 294 6.65 -22.97 -49.78
N ASP A 295 5.56 -22.28 -49.50
CA ASP A 295 5.64 -20.90 -49.02
C ASP A 295 5.97 -20.87 -47.53
N ALA A 296 6.75 -19.86 -47.15
CA ALA A 296 7.03 -19.56 -45.76
C ALA A 296 6.46 -18.23 -45.31
N GLN A 297 6.47 -17.23 -46.21
CA GLN A 297 5.94 -15.90 -45.88
C GLN A 297 4.44 -15.96 -45.64
N ALA A 298 3.69 -16.52 -46.60
CA ALA A 298 2.25 -16.62 -46.46
C ALA A 298 1.87 -17.60 -45.36
N ALA A 299 2.70 -18.60 -45.10
CA ALA A 299 2.44 -19.53 -44.01
C ALA A 299 2.56 -18.85 -42.65
N ARG A 300 3.64 -18.10 -42.43
CA ARG A 300 3.82 -17.45 -41.15
C ARG A 300 2.86 -16.29 -40.98
N GLU A 301 2.47 -15.60 -42.07
CA GLU A 301 1.46 -14.57 -41.93
C GLU A 301 0.07 -15.18 -41.74
N PHE A 302 -0.14 -16.40 -42.24
CA PHE A 302 -1.40 -17.09 -41.96
C PHE A 302 -1.52 -17.47 -40.50
N ILE A 303 -0.45 -18.04 -39.92
CA ILE A 303 -0.58 -18.41 -38.51
C ILE A 303 -0.48 -17.20 -37.59
N LEU A 304 0.14 -16.10 -38.05
CA LEU A 304 0.06 -14.85 -37.32
C LEU A 304 -1.38 -14.33 -37.32
N LYS A 305 -2.04 -14.39 -38.48
CA LYS A 305 -3.46 -14.07 -38.57
C LYS A 305 -4.30 -14.98 -37.69
N MET A 306 -3.92 -16.26 -37.62
CA MET A 306 -4.65 -17.23 -36.80
C MET A 306 -4.52 -16.90 -35.32
N PHE A 307 -3.36 -16.41 -34.91
CA PHE A 307 -3.19 -15.94 -33.53
C PHE A 307 -3.96 -14.66 -33.28
N VAL A 308 -4.01 -13.77 -34.28
CA VAL A 308 -4.63 -12.46 -34.09
C VAL A 308 -6.14 -12.59 -33.98
N ASP A 309 -6.77 -13.40 -34.83
CA ASP A 309 -8.23 -13.43 -34.88
C ASP A 309 -8.85 -14.35 -33.84
N LEU A 310 -8.20 -14.56 -32.70
CA LEU A 310 -8.91 -15.06 -31.53
C LEU A 310 -9.94 -14.06 -31.03
N ASN A 311 -9.79 -12.78 -31.38
CA ASN A 311 -10.66 -11.65 -31.07
C ASN A 311 -10.95 -11.48 -29.59
N PRO A 312 -10.00 -10.92 -28.81
CA PRO A 312 -10.41 -10.23 -27.59
C PRO A 312 -11.45 -9.19 -27.99
N ASP A 313 -12.67 -9.33 -27.46
CA ASP A 313 -13.85 -8.73 -28.05
C ASP A 313 -13.90 -7.21 -27.93
N SER A 314 -13.02 -6.62 -27.13
CA SER A 314 -12.72 -5.19 -27.24
C SER A 314 -11.54 -5.05 -28.19
N ASP A 315 -11.75 -4.30 -29.28
CA ASP A 315 -10.76 -4.24 -30.35
C ASP A 315 -9.52 -3.47 -29.89
N LYS A 316 -8.36 -4.08 -30.12
CA LYS A 316 -7.11 -3.62 -29.52
C LYS A 316 -5.95 -4.13 -30.36
N ILE A 317 -4.91 -3.33 -30.46
CA ILE A 317 -3.76 -3.65 -31.30
C ILE A 317 -2.93 -4.75 -30.63
N ILE A 318 -2.58 -5.78 -31.39
CA ILE A 318 -1.73 -6.86 -30.94
C ILE A 318 -0.44 -6.79 -31.73
N TYR A 319 0.63 -6.36 -31.08
CA TYR A 319 1.91 -6.22 -31.75
C TYR A 319 2.55 -7.58 -31.99
N SER A 320 3.45 -7.65 -32.96
CA SER A 320 3.98 -8.94 -33.39
C SER A 320 5.40 -8.78 -33.90
N HIS A 321 6.19 -9.84 -33.72
CA HIS A 321 7.54 -9.87 -34.24
C HIS A 321 7.87 -11.29 -34.65
N PHE A 322 8.76 -11.42 -35.61
CA PHE A 322 9.23 -12.73 -36.10
C PHE A 322 10.71 -12.82 -35.75
N THR A 323 11.00 -13.48 -34.64
CA THR A 323 12.38 -13.60 -34.18
C THR A 323 12.96 -14.94 -34.62
N CYS A 324 14.17 -15.21 -34.16
CA CYS A 324 14.84 -16.48 -34.46
C CYS A 324 15.85 -16.73 -33.34
N ALA A 325 16.74 -17.69 -33.57
CA ALA A 325 17.75 -18.01 -32.58
C ALA A 325 18.80 -16.91 -32.48
N THR A 326 19.13 -16.28 -33.61
CA THR A 326 20.18 -15.28 -33.66
C THR A 326 19.66 -13.86 -33.90
N ASP A 327 18.41 -13.60 -33.55
CA ASP A 327 17.84 -12.26 -33.68
C ASP A 327 18.50 -11.34 -32.65
N THR A 328 19.19 -10.30 -33.12
CA THR A 328 19.97 -9.48 -32.22
C THR A 328 19.09 -8.54 -31.40
N GLU A 329 18.34 -7.67 -32.08
CA GLU A 329 17.60 -6.60 -31.42
C GLU A 329 16.10 -6.87 -31.53
N ASN A 330 15.57 -7.57 -30.53
CA ASN A 330 14.13 -7.58 -30.27
C ASN A 330 13.78 -6.83 -29.00
N ILE A 331 14.78 -6.51 -28.17
CA ILE A 331 14.60 -5.57 -27.07
C ILE A 331 14.18 -4.20 -27.59
N ARG A 332 14.70 -3.82 -28.77
CA ARG A 332 14.22 -2.61 -29.43
C ARG A 332 12.76 -2.72 -29.83
N PHE A 333 12.32 -3.92 -30.22
CA PHE A 333 10.92 -4.10 -30.58
C PHE A 333 10.01 -4.01 -29.37
N VAL A 334 10.42 -4.61 -28.24
CA VAL A 334 9.56 -4.54 -27.06
C VAL A 334 9.58 -3.14 -26.48
N PHE A 335 10.68 -2.41 -26.69
CA PHE A 335 10.76 -0.99 -26.35
C PHE A 335 9.74 -0.17 -27.14
N ALA A 336 9.74 -0.33 -28.47
CA ALA A 336 8.79 0.39 -29.31
C ALA A 336 7.35 -0.04 -29.05
N ALA A 337 7.14 -1.30 -28.68
CA ALA A 337 5.78 -1.78 -28.45
C ALA A 337 5.21 -1.26 -27.14
N VAL A 338 6.01 -1.19 -26.08
CA VAL A 338 5.47 -0.61 -24.85
C VAL A 338 5.36 0.91 -24.97
N LYS A 339 6.20 1.54 -25.82
CA LYS A 339 6.05 2.96 -26.09
C LYS A 339 4.74 3.25 -26.79
N ASP A 340 4.42 2.46 -27.82
CA ASP A 340 3.15 2.63 -28.50
C ASP A 340 1.97 2.23 -27.64
N THR A 341 2.16 1.33 -26.67
CA THR A 341 1.09 1.01 -25.73
C THR A 341 0.76 2.19 -24.83
N ILE A 342 1.79 2.81 -24.25
CA ILE A 342 1.59 3.96 -23.38
C ILE A 342 1.03 5.14 -24.17
N LEU A 343 1.54 5.34 -25.39
CA LEU A 343 1.03 6.41 -26.24
C LEU A 343 -0.42 6.16 -26.65
N GLN A 344 -0.80 4.91 -26.91
CA GLN A 344 -2.17 4.61 -27.28
C GLN A 344 -3.13 4.82 -26.12
N LEU A 345 -2.70 4.47 -24.90
CA LEU A 345 -3.51 4.76 -23.73
C LEU A 345 -3.69 6.25 -23.51
N ASN A 346 -2.63 7.03 -23.74
CA ASN A 346 -2.75 8.49 -23.61
C ASN A 346 -3.67 9.07 -24.67
N LEU A 347 -3.58 8.56 -25.90
CA LEU A 347 -4.43 9.08 -26.98
C LEU A 347 -5.89 8.74 -26.77
N LYS A 348 -6.18 7.53 -26.29
CA LYS A 348 -7.57 7.21 -25.98
C LYS A 348 -8.06 7.97 -24.75
N GLU A 349 -7.16 8.37 -23.87
CA GLU A 349 -7.56 9.24 -22.76
C GLU A 349 -7.92 10.63 -23.26
N TYR A 350 -7.17 11.17 -24.21
CA TYR A 350 -7.38 12.52 -24.72
C TYR A 350 -8.40 12.59 -25.85
N ASN A 351 -9.05 11.47 -26.17
CA ASN A 351 -10.08 11.33 -27.22
C ASN A 351 -9.57 11.69 -28.61
N LEU A 352 -8.27 11.62 -28.86
CA LEU A 352 -7.72 11.92 -30.17
C LEU A 352 -6.98 10.72 -30.73
N VAL A 353 -7.56 9.55 -30.54
CA VAL A 353 -6.97 8.28 -30.96
C VAL A 353 -6.92 8.17 -32.49
N PRO B 31 -37.39 46.61 -18.55
CA PRO B 31 -38.24 45.87 -17.61
C PRO B 31 -38.20 44.37 -17.84
N TRP B 32 -38.52 43.94 -19.07
CA TRP B 32 -38.50 42.53 -19.42
C TRP B 32 -37.20 42.09 -20.06
N GLN B 33 -36.50 43.01 -20.75
CA GLN B 33 -35.22 42.65 -21.35
C GLN B 33 -34.15 42.43 -20.29
N VAL B 34 -34.26 43.11 -19.14
CA VAL B 34 -33.34 42.84 -18.05
C VAL B 34 -33.67 41.50 -17.42
N ALA B 35 -34.95 41.08 -17.47
CA ALA B 35 -35.31 39.74 -16.99
C ALA B 35 -34.80 38.67 -17.96
N PHE B 36 -34.80 38.98 -19.26
CA PHE B 36 -34.31 38.02 -20.24
C PHE B 36 -32.81 37.82 -20.14
N ILE B 37 -32.06 38.93 -20.00
CA ILE B 37 -30.62 38.80 -19.84
C ILE B 37 -30.29 38.19 -18.47
N GLY B 38 -31.12 38.45 -17.46
CA GLY B 38 -30.90 37.84 -16.16
C GLY B 38 -31.13 36.33 -16.17
N ILE B 39 -32.16 35.88 -16.88
CA ILE B 39 -32.40 34.43 -16.87
C ILE B 39 -31.42 33.69 -17.77
N THR B 40 -30.94 34.29 -18.87
CA THR B 40 -29.92 33.57 -19.63
C THR B 40 -28.58 33.54 -18.89
N THR B 41 -28.25 34.59 -18.16
CA THR B 41 -27.05 34.54 -17.34
C THR B 41 -27.22 33.60 -16.15
N GLY B 42 -28.47 33.45 -15.66
CA GLY B 42 -28.71 32.54 -14.56
C GLY B 42 -28.59 31.08 -14.97
N LEU B 43 -29.14 30.70 -16.13
CA LEU B 43 -28.93 29.33 -16.58
C LEU B 43 -27.50 29.09 -17.03
N LEU B 44 -26.79 30.11 -17.52
CA LEU B 44 -25.38 29.92 -17.80
C LEU B 44 -24.56 29.72 -16.52
N SER B 45 -24.92 30.43 -15.45
CA SER B 45 -24.24 30.25 -14.18
C SER B 45 -24.55 28.89 -13.58
N LEU B 46 -25.80 28.44 -13.70
CA LEU B 46 -26.17 27.10 -13.26
C LEU B 46 -25.39 26.04 -14.03
N ALA B 47 -25.23 26.24 -15.35
CA ALA B 47 -24.51 25.28 -16.17
C ALA B 47 -23.03 25.21 -15.79
N THR B 48 -22.39 26.35 -15.56
CA THR B 48 -20.96 26.27 -15.25
C THR B 48 -20.72 25.75 -13.84
N VAL B 49 -21.60 26.09 -12.88
CA VAL B 49 -21.38 25.56 -11.54
C VAL B 49 -21.70 24.06 -11.52
N THR B 50 -22.66 23.62 -12.33
CA THR B 50 -23.01 22.21 -12.41
C THR B 50 -21.87 21.40 -13.01
N GLY B 51 -21.34 21.87 -14.15
CA GLY B 51 -20.23 21.16 -14.78
C GLY B 51 -18.99 21.10 -13.92
N ASN B 52 -18.64 22.21 -13.27
CA ASN B 52 -17.40 22.21 -12.52
C ASN B 52 -17.51 21.45 -11.19
N LEU B 53 -18.63 21.59 -10.46
CA LEU B 53 -18.74 20.79 -9.25
C LEU B 53 -19.00 19.33 -9.55
N LEU B 54 -19.54 19.00 -10.73
CA LEU B 54 -19.67 17.59 -11.06
C LEU B 54 -18.33 16.98 -11.44
N VAL B 55 -17.43 17.75 -12.04
CA VAL B 55 -16.07 17.27 -12.26
C VAL B 55 -15.36 17.06 -10.93
N LEU B 56 -15.51 18.00 -9.99
CA LEU B 56 -14.90 17.85 -8.67
C LEU B 56 -15.47 16.65 -7.90
N ILE B 57 -16.79 16.48 -7.96
CA ILE B 57 -17.45 15.38 -7.27
C ILE B 57 -17.06 14.04 -7.89
N SER B 58 -16.96 13.99 -9.22
CA SER B 58 -16.54 12.74 -9.87
C SER B 58 -15.08 12.42 -9.61
N PHE B 59 -14.26 13.44 -9.38
CA PHE B 59 -12.90 13.14 -8.95
C PHE B 59 -12.85 12.65 -7.51
N LYS B 60 -13.80 13.09 -6.67
CA LYS B 60 -13.82 12.60 -5.30
C LYS B 60 -14.36 11.17 -5.23
N VAL B 61 -15.43 10.86 -5.95
CA VAL B 61 -16.15 9.60 -5.77
C VAL B 61 -15.60 8.46 -6.60
N ASN B 62 -14.68 8.71 -7.51
CA ASN B 62 -14.11 7.65 -8.33
C ASN B 62 -12.63 7.50 -8.04
N THR B 63 -12.10 6.33 -8.41
CA THR B 63 -10.71 6.01 -8.17
C THR B 63 -9.95 5.53 -9.39
N GLU B 64 -10.63 5.21 -10.49
CA GLU B 64 -9.92 4.89 -11.72
C GLU B 64 -9.44 6.15 -12.42
N LEU B 65 -10.02 7.30 -12.09
CA LEU B 65 -9.65 8.59 -12.65
C LEU B 65 -9.03 9.51 -11.61
N LYS B 66 -8.47 8.95 -10.54
CA LYS B 66 -7.68 9.71 -9.58
C LYS B 66 -6.20 9.72 -9.95
N THR B 67 -5.89 9.60 -11.24
CA THR B 67 -4.52 9.57 -11.71
C THR B 67 -3.95 10.98 -11.79
N VAL B 68 -2.68 11.08 -12.17
CA VAL B 68 -1.97 12.36 -12.11
C VAL B 68 -2.35 13.28 -13.26
N ASN B 69 -2.99 12.77 -14.32
CA ASN B 69 -3.40 13.62 -15.43
C ASN B 69 -4.53 14.54 -15.01
N ASN B 70 -5.62 13.97 -14.49
CA ASN B 70 -6.83 14.72 -14.18
C ASN B 70 -6.65 15.72 -13.05
N TYR B 71 -5.55 15.63 -12.30
CA TYR B 71 -5.09 16.70 -11.41
C TYR B 71 -5.14 18.05 -12.10
N PHE B 72 -4.57 18.13 -13.31
CA PHE B 72 -4.62 19.35 -14.11
C PHE B 72 -6.06 19.78 -14.36
N LEU B 73 -6.92 18.81 -14.72
CA LEU B 73 -8.33 19.12 -14.96
C LEU B 73 -9.00 19.58 -13.68
N LEU B 74 -8.55 19.07 -12.53
CA LEU B 74 -9.11 19.47 -11.26
C LEU B 74 -8.81 20.95 -10.99
N SER B 75 -7.62 21.40 -11.38
CA SER B 75 -7.31 22.82 -11.25
C SER B 75 -8.16 23.62 -12.21
N LEU B 76 -8.42 23.06 -13.38
CA LEU B 76 -9.31 23.72 -14.34
C LEU B 76 -10.74 23.69 -13.84
N ALA B 77 -11.08 22.71 -12.99
CA ALA B 77 -12.38 22.72 -12.37
C ALA B 77 -12.47 23.72 -11.22
N CYS B 78 -11.33 24.18 -10.70
CA CYS B 78 -11.39 25.10 -9.58
C CYS B 78 -11.55 26.53 -10.04
N ALA B 79 -10.71 26.95 -11.00
CA ALA B 79 -10.74 28.33 -11.49
C ALA B 79 -12.07 28.66 -12.14
N ASP B 80 -12.54 27.78 -13.03
CA ASP B 80 -13.85 27.92 -13.65
C ASP B 80 -14.99 27.79 -12.64
N LEU B 81 -14.72 27.30 -11.42
CA LEU B 81 -15.74 27.35 -10.39
C LEU B 81 -15.89 28.77 -9.84
N ILE B 82 -14.76 29.46 -9.61
CA ILE B 82 -14.78 30.79 -9.02
C ILE B 82 -15.50 31.77 -9.92
N ILE B 83 -15.07 31.82 -11.19
CA ILE B 83 -15.76 32.52 -12.27
C ILE B 83 -17.21 32.05 -12.37
N GLY B 84 -17.45 30.77 -12.11
CA GLY B 84 -18.80 30.26 -12.15
C GLY B 84 -19.69 30.80 -11.05
N THR B 85 -19.12 31.07 -9.87
CA THR B 85 -19.98 31.37 -8.74
C THR B 85 -19.71 32.70 -8.07
N PHE B 86 -18.59 33.36 -8.38
CA PHE B 86 -18.31 34.65 -7.80
C PHE B 86 -18.26 35.79 -8.80
N SER B 87 -17.95 35.51 -10.07
CA SER B 87 -17.80 36.60 -11.02
C SER B 87 -19.10 36.94 -11.72
N MET B 88 -19.68 35.95 -12.42
CA MET B 88 -20.69 36.19 -13.46
C MET B 88 -21.94 36.85 -12.90
N ASN B 89 -22.52 36.25 -11.84
CA ASN B 89 -23.66 36.82 -11.16
C ASN B 89 -23.34 38.21 -10.63
N LEU B 90 -22.16 38.36 -10.01
CA LEU B 90 -21.73 39.67 -9.57
C LEU B 90 -21.62 40.63 -10.74
N TYR B 91 -21.06 40.15 -11.85
CA TYR B 91 -20.93 41.02 -13.02
C TYR B 91 -22.27 41.36 -13.61
N THR B 92 -23.26 40.45 -13.51
CA THR B 92 -24.51 40.85 -14.14
C THR B 92 -25.29 41.77 -13.21
N THR B 93 -24.95 41.79 -11.91
CA THR B 93 -25.50 42.83 -11.05
C THR B 93 -24.90 44.18 -11.34
N TYR B 94 -23.80 44.22 -12.09
CA TYR B 94 -23.39 45.44 -12.77
C TYR B 94 -24.50 45.84 -13.75
N LEU B 95 -24.73 44.99 -14.75
CA LEU B 95 -25.59 45.39 -15.86
C LEU B 95 -27.05 45.39 -15.48
N LEU B 96 -27.41 44.69 -14.41
CA LEU B 96 -28.78 44.76 -13.91
C LEU B 96 -29.05 46.12 -13.27
N MET B 97 -28.01 46.75 -12.72
CA MET B 97 -28.21 47.99 -11.98
C MET B 97 -27.63 49.21 -12.68
N GLY B 98 -26.60 49.04 -13.49
CA GLY B 98 -25.97 50.16 -14.16
C GLY B 98 -24.88 50.83 -13.37
N HIS B 99 -24.90 50.73 -12.04
CA HIS B 99 -23.84 51.32 -11.23
C HIS B 99 -23.43 50.33 -10.15
N TRP B 100 -22.12 50.15 -10.00
CA TRP B 100 -21.56 49.18 -9.06
C TRP B 100 -21.46 49.90 -7.72
N ALA B 101 -22.39 49.61 -6.82
CA ALA B 101 -22.60 50.44 -5.63
C ALA B 101 -22.18 49.76 -4.33
N LEU B 102 -21.04 49.07 -4.29
CA LEU B 102 -20.67 48.33 -3.09
C LEU B 102 -19.27 48.65 -2.55
N GLY B 103 -18.63 49.71 -3.03
CA GLY B 103 -17.44 50.16 -2.32
C GLY B 103 -16.17 49.92 -3.11
N THR B 104 -15.19 50.81 -2.91
CA THR B 104 -14.03 50.83 -3.79
C THR B 104 -13.05 49.68 -3.53
N LEU B 105 -12.81 49.34 -2.26
CA LEU B 105 -11.94 48.19 -1.99
C LEU B 105 -12.65 46.89 -2.34
N ALA B 106 -13.98 46.88 -2.23
CA ALA B 106 -14.77 45.73 -2.67
C ALA B 106 -14.66 45.52 -4.17
N CYS B 107 -14.72 46.61 -4.95
CA CYS B 107 -14.57 46.46 -6.40
C CYS B 107 -13.15 46.09 -6.79
N ASP B 108 -12.17 46.58 -6.04
CA ASP B 108 -10.78 46.24 -6.33
C ASP B 108 -10.53 44.76 -6.05
N LEU B 109 -11.05 44.24 -4.93
CA LEU B 109 -10.88 42.82 -4.64
C LEU B 109 -11.69 41.95 -5.60
N TRP B 110 -12.86 42.42 -6.05
CA TRP B 110 -13.65 41.63 -6.99
C TRP B 110 -12.99 41.57 -8.36
N LEU B 111 -12.48 42.70 -8.85
CA LEU B 111 -11.78 42.70 -10.13
C LEU B 111 -10.48 41.93 -10.05
N ALA B 112 -9.78 41.99 -8.91
CA ALA B 112 -8.57 41.21 -8.73
C ALA B 112 -8.87 39.72 -8.73
N LEU B 113 -9.96 39.31 -8.05
CA LEU B 113 -10.37 37.91 -8.03
C LEU B 113 -10.77 37.42 -9.42
N ASP B 114 -11.54 38.23 -10.14
CA ASP B 114 -12.00 37.86 -11.48
C ASP B 114 -10.82 37.71 -12.44
N TYR B 115 -9.89 38.65 -12.40
CA TYR B 115 -8.76 38.59 -13.32
C TYR B 115 -7.78 37.49 -12.93
N VAL B 116 -7.61 37.21 -11.64
CA VAL B 116 -6.68 36.14 -11.28
C VAL B 116 -7.29 34.78 -11.59
N ALA B 117 -8.61 34.64 -11.51
CA ALA B 117 -9.22 33.37 -11.85
C ALA B 117 -9.22 33.14 -13.35
N SER B 118 -9.43 34.20 -14.15
CA SER B 118 -9.38 34.05 -15.59
C SER B 118 -7.97 33.74 -16.08
N GLN B 119 -6.97 34.44 -15.56
CA GLN B 119 -5.60 34.17 -15.97
C GLN B 119 -5.12 32.82 -15.48
N ALA B 120 -5.61 32.38 -14.32
CA ALA B 120 -5.27 31.04 -13.84
C ALA B 120 -5.89 29.96 -14.69
N SER B 121 -7.12 30.17 -15.18
CA SER B 121 -7.73 29.19 -16.07
C SER B 121 -6.99 29.12 -17.41
N VAL B 122 -6.54 30.26 -17.92
CA VAL B 122 -5.80 30.25 -19.18
C VAL B 122 -4.44 29.59 -19.01
N MET B 123 -3.76 29.84 -17.88
CA MET B 123 -2.49 29.17 -17.62
C MET B 123 -2.68 27.68 -17.34
N ASN B 124 -3.84 27.30 -16.82
CA ASN B 124 -4.16 25.87 -16.69
C ASN B 124 -4.32 25.21 -18.04
N LEU B 125 -4.94 25.91 -19.00
CA LEU B 125 -5.01 25.40 -20.36
C LEU B 125 -3.62 25.25 -20.99
N LEU B 126 -2.73 26.20 -20.70
CA LEU B 126 -1.35 26.09 -21.15
C LEU B 126 -0.64 24.88 -20.53
N LEU B 127 -0.90 24.63 -19.25
CA LEU B 127 -0.24 23.51 -18.58
C LEU B 127 -0.77 22.18 -19.08
N ILE B 128 -2.07 22.11 -19.34
CA ILE B 128 -2.67 20.93 -19.97
C ILE B 128 -2.08 20.70 -21.35
N SER B 129 -1.83 21.79 -22.10
CA SER B 129 -1.26 21.68 -23.44
C SER B 129 0.17 21.15 -23.39
N PHE B 130 0.99 21.66 -22.47
CA PHE B 130 2.35 21.16 -22.31
C PHE B 130 2.36 19.71 -21.83
N ASP B 131 1.41 19.36 -20.96
CA ASP B 131 1.34 17.99 -20.46
C ASP B 131 0.94 17.02 -21.55
N ARG B 132 -0.01 17.39 -22.41
CA ARG B 132 -0.40 16.54 -23.52
C ARG B 132 0.71 16.43 -24.55
N TYR B 133 1.41 17.53 -24.81
CA TYR B 133 2.51 17.50 -25.78
C TYR B 133 3.65 16.62 -25.28
N PHE B 134 3.90 16.62 -23.98
CA PHE B 134 4.98 15.76 -23.48
C PHE B 134 4.53 14.31 -23.38
N SER B 135 3.30 14.05 -22.97
CA SER B 135 2.83 12.70 -22.82
C SER B 135 2.44 12.05 -24.15
N VAL B 136 2.46 12.81 -25.25
CA VAL B 136 2.27 12.25 -26.58
C VAL B 136 3.58 12.21 -27.35
N THR B 137 4.44 13.23 -27.20
CA THR B 137 5.66 13.30 -27.98
C THR B 137 6.70 12.30 -27.49
N ARG B 138 7.00 12.32 -26.19
CA ARG B 138 8.00 11.44 -25.58
C ARG B 138 7.34 10.78 -24.38
N PRO B 139 6.67 9.64 -24.58
CA PRO B 139 5.75 9.14 -23.54
C PRO B 139 6.42 8.42 -22.39
N LEU B 140 7.48 7.65 -22.66
CA LEU B 140 8.11 6.83 -21.62
C LEU B 140 8.81 7.70 -20.59
N SER B 141 9.71 8.56 -21.04
CA SER B 141 10.52 9.36 -20.12
C SER B 141 9.69 10.43 -19.43
N TYR B 142 8.63 10.93 -20.07
CA TYR B 142 7.76 11.86 -19.38
C TYR B 142 6.85 11.15 -18.39
N ARG B 143 6.49 9.89 -18.65
CA ARG B 143 5.79 9.12 -17.64
C ARG B 143 6.71 8.84 -16.45
N ALA B 144 8.00 8.70 -16.71
CA ALA B 144 8.96 8.53 -15.61
C ALA B 144 9.16 9.82 -14.82
N LYS B 145 9.24 10.95 -15.51
CA LYS B 145 9.71 12.18 -14.90
C LYS B 145 8.62 13.02 -14.25
N ARG B 146 7.35 12.70 -14.44
CA ARG B 146 6.28 13.48 -13.83
C ARG B 146 5.76 12.73 -12.61
N THR B 147 6.40 12.98 -11.47
CA THR B 147 5.88 12.52 -10.20
C THR B 147 4.70 13.40 -9.79
N PRO B 148 3.80 12.91 -8.92
CA PRO B 148 2.69 13.77 -8.47
C PRO B 148 3.11 15.01 -7.71
N ARG B 149 4.28 14.97 -7.06
CA ARG B 149 4.81 16.19 -6.45
C ARG B 149 5.23 17.20 -7.51
N ARG B 150 5.82 16.74 -8.61
CA ARG B 150 6.23 17.65 -9.65
C ARG B 150 5.05 18.22 -10.42
N ALA B 151 4.00 17.43 -10.61
CA ALA B 151 2.78 17.94 -11.22
C ALA B 151 2.08 18.93 -10.29
N ALA B 152 2.12 18.68 -8.98
CA ALA B 152 1.52 19.62 -8.03
C ALA B 152 2.29 20.94 -7.98
N LEU B 153 3.63 20.89 -8.07
CA LEU B 153 4.38 22.14 -8.08
C LEU B 153 4.24 22.86 -9.42
N MET B 154 4.02 22.13 -10.51
CA MET B 154 3.72 22.77 -11.79
C MET B 154 2.39 23.50 -11.75
N ILE B 155 1.37 22.89 -11.13
CA ILE B 155 0.07 23.54 -10.96
C ILE B 155 0.20 24.76 -10.04
N GLY B 156 1.01 24.64 -9.00
CA GLY B 156 1.22 25.77 -8.11
C GLY B 156 1.94 26.93 -8.79
N LEU B 157 2.89 26.61 -9.68
CA LEU B 157 3.56 27.63 -10.46
C LEU B 157 2.60 28.31 -11.43
N ALA B 158 1.73 27.52 -12.07
CA ALA B 158 0.74 28.08 -12.99
C ALA B 158 -0.31 28.91 -12.27
N TRP B 159 -0.53 28.68 -10.99
CA TRP B 159 -1.43 29.58 -10.26
C TRP B 159 -0.70 30.82 -9.75
N LEU B 160 0.53 30.68 -9.28
CA LEU B 160 1.17 31.85 -8.68
C LEU B 160 1.74 32.81 -9.71
N VAL B 161 2.03 32.36 -10.93
CA VAL B 161 2.39 33.31 -11.99
C VAL B 161 1.19 34.19 -12.32
N SER B 162 -0.01 33.61 -12.34
CA SER B 162 -1.23 34.39 -12.52
C SER B 162 -1.45 35.36 -11.35
N PHE B 163 -1.17 34.89 -10.13
CA PHE B 163 -1.37 35.73 -8.95
C PHE B 163 -0.41 36.92 -8.93
N VAL B 164 0.89 36.67 -9.12
CA VAL B 164 1.85 37.77 -9.14
C VAL B 164 1.81 38.57 -10.43
N LEU B 165 1.09 38.12 -11.45
CA LEU B 165 0.94 38.94 -12.63
C LEU B 165 -0.22 39.91 -12.54
N TRP B 166 -1.38 39.48 -12.03
CA TRP B 166 -2.53 40.37 -12.08
C TRP B 166 -2.83 41.08 -10.76
N ALA B 167 -2.87 40.35 -9.65
CA ALA B 167 -3.32 40.87 -8.36
C ALA B 167 -2.54 42.02 -7.73
N PRO B 168 -1.20 42.16 -7.89
CA PRO B 168 -0.57 43.38 -7.37
C PRO B 168 -0.96 44.65 -8.10
N ALA B 169 -1.10 44.59 -9.44
CA ALA B 169 -1.29 45.80 -10.21
C ALA B 169 -2.67 46.41 -9.96
N ILE B 170 -3.71 45.57 -9.91
CA ILE B 170 -5.07 46.05 -9.69
C ILE B 170 -5.24 46.63 -8.30
N LEU B 171 -4.63 46.00 -7.30
CA LEU B 171 -4.76 46.48 -5.93
C LEU B 171 -3.89 47.71 -5.67
N PHE B 172 -2.78 47.86 -6.39
CA PHE B 172 -1.76 48.83 -6.00
C PHE B 172 -1.51 49.93 -7.00
N TRP B 173 -2.22 50.00 -8.13
CA TRP B 173 -2.01 51.10 -9.06
C TRP B 173 -2.53 52.42 -8.49
N GLN B 174 -3.66 52.39 -7.77
CA GLN B 174 -4.17 53.59 -7.14
C GLN B 174 -3.36 54.01 -5.92
N TYR B 175 -2.56 53.11 -5.35
CA TYR B 175 -1.62 53.48 -4.31
C TYR B 175 -0.27 53.88 -4.87
N LEU B 176 0.01 53.52 -6.12
CA LEU B 176 1.23 54.00 -6.77
C LEU B 176 1.02 55.42 -7.31
N VAL B 177 0.04 55.60 -8.20
CA VAL B 177 -0.12 56.91 -8.83
C VAL B 177 -0.93 57.88 -7.97
N GLY B 178 -1.56 57.40 -6.91
CA GLY B 178 -2.35 58.26 -6.04
C GLY B 178 -3.59 58.84 -6.65
N GLU B 179 -4.03 58.35 -7.81
CA GLU B 179 -5.16 58.90 -8.53
C GLU B 179 -6.22 57.82 -8.67
N ARG B 180 -7.33 57.97 -7.95
CA ARG B 180 -8.51 57.13 -8.15
C ARG B 180 -9.29 57.71 -9.33
N THR B 181 -8.77 57.45 -10.54
CA THR B 181 -9.36 58.02 -11.74
C THR B 181 -10.64 57.34 -12.18
N VAL B 182 -11.00 56.21 -11.57
CA VAL B 182 -12.30 55.62 -11.84
C VAL B 182 -13.38 56.45 -11.17
N LEU B 183 -14.59 56.33 -11.68
CA LEU B 183 -15.69 57.18 -11.22
C LEU B 183 -16.35 56.56 -10.00
N ALA B 184 -17.47 57.13 -9.58
CA ALA B 184 -18.20 56.63 -8.42
C ALA B 184 -19.19 55.53 -8.79
N GLY B 185 -19.92 55.70 -9.88
CA GLY B 185 -20.90 54.70 -10.27
C GLY B 185 -20.25 53.48 -10.91
N GLN B 186 -19.27 53.71 -11.76
CA GLN B 186 -18.64 52.63 -12.50
C GLN B 186 -17.46 52.05 -11.74
N CYS B 187 -17.17 50.78 -12.02
CA CYS B 187 -15.93 50.16 -11.61
C CYS B 187 -15.40 49.31 -12.75
N TYR B 188 -14.09 49.35 -12.93
CA TYR B 188 -13.42 48.64 -14.01
C TYR B 188 -11.94 48.56 -13.66
N ILE B 189 -11.18 47.85 -14.50
CA ILE B 189 -9.74 47.78 -14.32
C ILE B 189 -9.13 49.13 -14.65
N GLN B 190 -8.31 49.64 -13.75
CA GLN B 190 -8.04 51.07 -13.74
C GLN B 190 -6.93 51.48 -14.70
N PHE B 191 -5.85 50.69 -14.77
CA PHE B 191 -4.65 51.12 -15.49
C PHE B 191 -4.68 50.78 -16.98
N LEU B 192 -5.88 50.69 -17.57
CA LEU B 192 -6.01 50.45 -19.01
C LEU B 192 -5.48 51.62 -19.83
N SER B 193 -5.41 52.82 -19.26
CA SER B 193 -5.09 54.01 -20.03
C SER B 193 -3.64 54.03 -20.47
N GLN B 194 -2.74 53.53 -19.62
CA GLN B 194 -1.33 53.49 -19.98
C GLN B 194 -1.11 52.38 -20.99
N PRO B 195 -0.76 52.70 -22.23
CA PRO B 195 -0.91 51.72 -23.31
C PRO B 195 0.16 50.64 -23.36
N ILE B 196 1.41 50.96 -23.01
CA ILE B 196 2.46 49.98 -23.18
C ILE B 196 2.41 48.91 -22.08
N ILE B 197 1.89 49.24 -20.90
CA ILE B 197 1.83 48.25 -19.83
C ILE B 197 0.68 47.27 -20.09
N THR B 198 -0.41 47.73 -20.69
CA THR B 198 -1.48 46.80 -21.05
C THR B 198 -1.15 46.05 -22.33
N PHE B 199 -0.31 46.63 -23.19
CA PHE B 199 0.19 45.89 -24.34
C PHE B 199 1.06 44.72 -23.90
N GLY B 200 2.03 44.99 -23.00
CA GLY B 200 2.82 43.91 -22.45
C GLY B 200 2.03 42.93 -21.60
N THR B 201 1.00 43.42 -20.91
CA THR B 201 0.17 42.55 -20.08
C THR B 201 -0.68 41.61 -20.92
N ALA B 202 -1.32 42.12 -21.98
CA ALA B 202 -2.07 41.25 -22.86
C ALA B 202 -1.18 40.40 -23.75
N MET B 203 0.09 40.78 -23.93
CA MET B 203 1.00 39.92 -24.68
C MET B 203 1.48 38.75 -23.83
N ALA B 204 1.89 39.02 -22.59
CA ALA B 204 2.34 37.95 -21.72
C ALA B 204 1.22 37.25 -20.97
N ALA B 205 -0.03 37.70 -21.17
CA ALA B 205 -1.17 37.12 -20.48
C ALA B 205 -2.08 36.35 -21.42
N PHE B 206 -2.23 36.81 -22.66
CA PHE B 206 -3.11 36.15 -23.60
C PHE B 206 -2.43 35.59 -24.84
N TYR B 207 -1.69 36.42 -25.59
CA TYR B 207 -1.27 36.07 -26.93
C TYR B 207 -0.14 35.06 -26.98
N LEU B 208 0.84 35.17 -26.10
CA LEU B 208 1.85 34.13 -26.01
C LEU B 208 1.32 32.77 -25.53
N PRO B 209 0.40 32.68 -24.54
CA PRO B 209 -0.27 31.38 -24.34
C PRO B 209 -1.03 30.87 -25.54
N VAL B 210 -1.67 31.74 -26.33
CA VAL B 210 -2.44 31.29 -27.48
C VAL B 210 -1.53 30.71 -28.55
N THR B 211 -0.40 31.40 -28.83
CA THR B 211 0.49 30.87 -29.86
C THR B 211 1.21 29.61 -29.41
N VAL B 212 1.51 29.48 -28.10
CA VAL B 212 2.16 28.24 -27.71
C VAL B 212 1.16 27.09 -27.62
N MET B 213 -0.12 27.36 -27.30
CA MET B 213 -1.11 26.30 -27.31
C MET B 213 -1.42 25.82 -28.72
N CYS B 214 -1.49 26.76 -29.67
CA CYS B 214 -1.76 26.36 -31.05
C CYS B 214 -0.57 25.64 -31.67
N THR B 215 0.66 26.06 -31.34
CA THR B 215 1.85 25.35 -31.78
C THR B 215 1.90 23.94 -31.22
N LEU B 216 1.62 23.79 -29.93
CA LEU B 216 1.72 22.47 -29.31
C LEU B 216 0.60 21.55 -29.78
N TYR B 217 -0.60 22.09 -30.01
CA TYR B 217 -1.68 21.24 -30.48
C TYR B 217 -1.50 20.84 -31.93
N TRP B 218 -0.89 21.71 -32.75
CA TRP B 218 -0.56 21.31 -34.11
C TRP B 218 0.55 20.26 -34.12
N ARG B 219 1.50 20.36 -33.19
CA ARG B 219 2.52 19.33 -33.07
C ARG B 219 1.93 18.00 -32.62
N ILE B 220 0.92 18.04 -31.74
CA ILE B 220 0.21 16.83 -31.32
C ILE B 220 -0.51 16.19 -32.50
N TYR B 221 -1.16 17.00 -33.33
CA TYR B 221 -1.89 16.46 -34.48
C TYR B 221 -0.94 15.87 -35.53
N ARG B 222 0.19 16.55 -35.77
CA ARG B 222 1.21 15.99 -36.65
C ARG B 222 1.79 14.70 -36.07
N GLU B 223 1.91 14.62 -34.75
CA GLU B 223 2.46 13.42 -34.11
C GLU B 223 1.51 12.23 -34.24
N THR B 224 0.20 12.44 -34.08
CA THR B 224 -0.70 11.29 -34.21
C THR B 224 -0.90 10.89 -35.67
N GLU B 225 -0.86 11.85 -36.61
CA GLU B 225 -0.90 11.47 -38.01
C GLU B 225 0.41 10.85 -38.48
N ASN B 226 1.50 11.02 -37.73
CA ASN B 226 2.71 10.26 -38.01
C ASN B 226 2.69 8.88 -37.36
N ARG B 227 2.06 8.76 -36.18
CA ARG B 227 1.97 7.48 -35.49
C ARG B 227 1.08 6.49 -36.23
N ALA B 228 0.08 7.00 -36.95
CA ALA B 228 -0.80 6.14 -37.73
C ALA B 228 -0.08 5.42 -38.88
N ARG B 229 1.12 5.87 -39.27
CA ARG B 229 1.92 5.16 -40.26
C ARG B 229 2.71 4.01 -39.62
N GLU B 230 3.36 4.29 -38.48
CA GLU B 230 4.20 3.29 -37.82
C GLU B 230 3.40 2.24 -37.09
N LEU B 231 2.10 2.49 -36.86
CA LEU B 231 1.24 1.48 -36.24
C LEU B 231 1.12 0.24 -37.10
N ALA B 232 1.20 0.39 -38.42
CA ALA B 232 1.31 -0.77 -39.30
C ALA B 232 2.73 -1.34 -39.34
N ALA B 233 3.74 -0.53 -38.99
CA ALA B 233 5.11 -1.02 -38.99
C ALA B 233 5.44 -1.84 -37.74
N LEU B 234 4.64 -1.71 -36.69
CA LEU B 234 4.86 -2.55 -35.51
C LEU B 234 4.33 -3.97 -35.72
N GLN B 235 3.02 -4.09 -35.94
CA GLN B 235 2.42 -5.41 -36.10
C GLN B 235 2.75 -6.00 -37.46
N GLY B 236 3.05 -7.29 -37.49
CA GLY B 236 3.40 -7.97 -38.71
C GLY B 236 4.90 -8.16 -38.85
N GLU B 257 -13.96 8.46 -39.68
CA GLU B 257 -13.69 9.88 -39.56
C GLU B 257 -12.49 10.15 -38.67
N LYS B 258 -11.72 11.18 -39.00
CA LYS B 258 -10.58 11.57 -38.18
C LYS B 258 -11.09 12.24 -36.90
N LYS B 259 -10.68 11.69 -35.75
CA LYS B 259 -11.14 12.20 -34.47
C LYS B 259 -10.18 13.21 -33.87
N ALA B 260 -8.89 13.09 -34.19
CA ALA B 260 -7.88 14.00 -33.65
C ALA B 260 -8.10 15.41 -34.16
N ALA B 261 -8.33 15.56 -35.46
CA ALA B 261 -8.59 16.87 -36.06
C ALA B 261 -9.87 17.47 -35.51
N ARG B 262 -10.89 16.63 -35.31
CA ARG B 262 -12.18 17.11 -34.81
C ARG B 262 -12.07 17.65 -33.40
N THR B 263 -11.46 16.88 -32.48
CA THR B 263 -11.41 17.36 -31.10
C THR B 263 -10.37 18.45 -30.89
N LEU B 264 -9.26 18.44 -31.65
CA LEU B 264 -8.27 19.50 -31.49
C LEU B 264 -8.78 20.82 -32.08
N SER B 265 -9.48 20.74 -33.22
CA SER B 265 -10.10 21.93 -33.78
C SER B 265 -11.21 22.45 -32.87
N ALA B 266 -11.96 21.54 -32.23
CA ALA B 266 -13.00 21.97 -31.29
C ALA B 266 -12.41 22.75 -30.13
N ILE B 267 -11.33 22.23 -29.53
CA ILE B 267 -10.71 22.91 -28.38
C ILE B 267 -10.09 24.25 -28.79
N LEU B 268 -9.26 24.24 -29.84
CA LEU B 268 -8.54 25.45 -30.23
C LEU B 268 -9.47 26.53 -30.76
N LEU B 269 -10.39 26.15 -31.66
CA LEU B 269 -11.36 27.11 -32.20
C LEU B 269 -12.29 27.61 -31.12
N ALA B 270 -12.66 26.75 -30.15
CA ALA B 270 -13.47 27.18 -29.01
C ALA B 270 -12.77 28.27 -28.24
N PHE B 271 -11.53 28.01 -27.81
CA PHE B 271 -10.77 28.95 -26.97
C PHE B 271 -10.49 30.26 -27.69
N ILE B 272 -10.11 30.19 -28.97
CA ILE B 272 -9.81 31.40 -29.73
C ILE B 272 -11.08 32.23 -29.93
N LEU B 273 -12.17 31.58 -30.39
CA LEU B 273 -13.43 32.26 -30.64
C LEU B 273 -14.05 32.84 -29.36
N THR B 274 -13.73 32.31 -28.20
CA THR B 274 -14.31 32.83 -26.98
C THR B 274 -13.39 33.79 -26.24
N TRP B 275 -12.11 33.90 -26.60
CA TRP B 275 -11.25 34.77 -25.82
C TRP B 275 -10.58 35.88 -26.61
N THR B 276 -10.51 35.79 -27.95
CA THR B 276 -9.93 36.89 -28.72
C THR B 276 -10.73 38.20 -28.78
N PRO B 277 -12.08 38.24 -28.72
CA PRO B 277 -12.74 39.57 -28.76
C PRO B 277 -12.40 40.52 -27.62
N TYR B 278 -12.29 40.03 -26.38
CA TYR B 278 -11.94 40.90 -25.27
C TYR B 278 -10.56 41.51 -25.45
N ASN B 279 -9.58 40.72 -25.87
CA ASN B 279 -8.22 41.22 -25.99
C ASN B 279 -8.07 42.14 -27.19
N ILE B 280 -8.78 41.83 -28.28
CA ILE B 280 -8.78 42.72 -29.44
C ILE B 280 -9.42 44.06 -29.09
N MET B 281 -10.51 44.04 -28.33
CA MET B 281 -11.18 45.28 -27.99
C MET B 281 -10.40 46.07 -26.94
N VAL B 282 -9.64 45.38 -26.08
CA VAL B 282 -8.77 46.07 -25.14
C VAL B 282 -7.63 46.75 -25.87
N LEU B 283 -7.08 46.08 -26.89
CA LEU B 283 -5.93 46.65 -27.58
C LEU B 283 -6.32 47.81 -28.51
N VAL B 284 -7.62 48.04 -28.69
CA VAL B 284 -8.04 49.24 -29.42
C VAL B 284 -8.63 50.28 -28.48
N SER B 285 -9.17 49.84 -27.33
CA SER B 285 -9.67 50.79 -26.34
C SER B 285 -8.54 51.43 -25.56
N THR B 286 -7.34 50.83 -25.56
CA THR B 286 -6.19 51.48 -24.96
C THR B 286 -5.55 52.51 -25.87
N PHE B 287 -6.01 52.64 -27.11
CA PHE B 287 -5.61 53.71 -28.01
C PHE B 287 -6.75 54.69 -28.27
N CYS B 288 -7.96 54.18 -28.50
CA CYS B 288 -9.12 55.03 -28.66
C CYS B 288 -9.62 55.57 -27.33
N LYS B 289 -10.60 56.45 -27.42
CA LYS B 289 -11.59 56.67 -26.38
C LYS B 289 -12.94 56.67 -27.07
N ASP B 290 -13.86 55.83 -26.56
CA ASP B 290 -15.26 55.65 -27.01
C ASP B 290 -15.41 55.38 -28.51
N CYS B 291 -14.35 54.90 -29.18
CA CYS B 291 -14.50 54.51 -30.58
C CYS B 291 -15.09 53.12 -30.71
N VAL B 292 -15.15 52.36 -29.62
CA VAL B 292 -15.80 51.06 -29.59
C VAL B 292 -16.98 51.13 -28.62
N PRO B 293 -18.15 50.62 -28.99
CA PRO B 293 -19.32 50.75 -28.12
C PRO B 293 -19.25 49.81 -26.92
N GLU B 294 -20.30 49.90 -26.09
CA GLU B 294 -20.30 49.21 -24.80
C GLU B 294 -21.10 47.92 -24.80
N THR B 295 -22.02 47.72 -25.74
CA THR B 295 -22.65 46.42 -25.87
C THR B 295 -21.64 45.37 -26.34
N LEU B 296 -20.71 45.78 -27.20
CA LEU B 296 -19.58 44.93 -27.51
C LEU B 296 -18.67 44.74 -26.31
N TRP B 297 -18.61 45.72 -25.40
CA TRP B 297 -17.79 45.56 -24.21
C TRP B 297 -18.35 44.52 -23.26
N GLU B 298 -19.68 44.55 -23.04
CA GLU B 298 -20.26 43.54 -22.16
C GLU B 298 -20.27 42.16 -22.81
N LEU B 299 -20.45 42.08 -24.13
CA LEU B 299 -20.36 40.78 -24.78
C LEU B 299 -18.91 40.26 -24.81
N GLY B 300 -17.93 41.16 -24.92
CA GLY B 300 -16.54 40.75 -24.90
C GLY B 300 -16.09 40.31 -23.52
N TYR B 301 -16.67 40.88 -22.46
CA TYR B 301 -16.48 40.28 -21.15
C TYR B 301 -17.15 38.93 -21.06
N TRP B 302 -18.39 38.79 -21.54
CA TRP B 302 -19.13 37.57 -21.30
C TRP B 302 -18.67 36.39 -22.15
N LEU B 303 -17.88 36.63 -23.20
CA LEU B 303 -17.33 35.48 -23.92
C LEU B 303 -16.29 34.73 -23.10
N CYS B 304 -15.59 35.41 -22.18
CA CYS B 304 -14.71 34.70 -21.27
C CYS B 304 -15.51 33.84 -20.28
N TYR B 305 -16.70 34.29 -19.92
CA TYR B 305 -17.53 33.48 -19.04
C TYR B 305 -18.13 32.29 -19.77
N VAL B 306 -18.41 32.43 -21.07
CA VAL B 306 -18.86 31.24 -21.79
C VAL B 306 -17.70 30.29 -22.06
N ASN B 307 -16.45 30.78 -22.07
CA ASN B 307 -15.30 29.86 -22.00
C ASN B 307 -15.34 29.05 -20.73
N SER B 308 -15.57 29.72 -19.61
CA SER B 308 -15.65 29.02 -18.33
C SER B 308 -16.82 28.05 -18.25
N THR B 309 -17.89 28.26 -19.01
CA THR B 309 -18.97 27.27 -18.96
C THR B 309 -18.82 26.14 -19.98
N ILE B 310 -18.06 26.34 -21.07
CA ILE B 310 -17.85 25.24 -22.01
C ILE B 310 -16.55 24.49 -21.75
N ASN B 311 -15.75 24.94 -20.81
CA ASN B 311 -14.44 24.36 -20.58
C ASN B 311 -14.43 22.94 -19.99
N PRO B 312 -15.40 22.50 -19.18
CA PRO B 312 -15.46 21.05 -18.89
C PRO B 312 -15.73 20.17 -20.10
N MET B 313 -16.56 20.64 -21.04
CA MET B 313 -16.98 19.79 -22.16
C MET B 313 -15.90 19.60 -23.21
N CYS B 314 -14.74 20.23 -23.08
CA CYS B 314 -13.66 20.03 -24.03
C CYS B 314 -12.49 19.27 -23.45
N TYR B 315 -12.46 19.04 -22.13
CA TYR B 315 -11.33 18.38 -21.51
C TYR B 315 -11.75 17.22 -20.64
N ALA B 316 -12.86 17.37 -19.92
CA ALA B 316 -13.30 16.30 -19.04
C ALA B 316 -14.01 15.20 -19.82
N LEU B 317 -14.96 15.57 -20.68
CA LEU B 317 -15.71 14.57 -21.44
C LEU B 317 -14.90 13.90 -22.53
N CYS B 318 -13.69 14.40 -22.82
CA CYS B 318 -12.79 13.67 -23.71
C CYS B 318 -12.29 12.38 -23.07
N ASN B 319 -12.17 12.33 -21.75
CA ASN B 319 -11.85 11.10 -21.05
C ASN B 319 -13.15 10.34 -20.81
N LYS B 320 -13.19 9.07 -21.24
CA LYS B 320 -14.47 8.36 -21.26
C LYS B 320 -14.94 7.97 -19.87
N ALA B 321 -14.01 7.75 -18.93
CA ALA B 321 -14.40 7.39 -17.57
C ALA B 321 -15.10 8.54 -16.87
N PHE B 322 -14.68 9.77 -17.15
CA PHE B 322 -15.41 10.95 -16.73
C PHE B 322 -16.82 10.95 -17.30
N ARG B 323 -16.97 10.54 -18.55
CA ARG B 323 -18.29 10.52 -19.19
C ARG B 323 -19.18 9.46 -18.54
N ASP B 324 -18.61 8.31 -18.15
CA ASP B 324 -19.40 7.30 -17.47
C ASP B 324 -19.81 7.76 -16.07
N THR B 325 -18.92 8.45 -15.36
CA THR B 325 -19.31 8.96 -14.04
C THR B 325 -20.34 10.09 -14.16
N PHE B 326 -20.23 10.90 -15.21
CA PHE B 326 -21.23 11.93 -15.50
C PHE B 326 -22.58 11.31 -15.81
N ARG B 327 -22.60 10.19 -16.53
CA ARG B 327 -23.85 9.48 -16.77
C ARG B 327 -24.40 8.89 -15.48
N LEU B 328 -23.54 8.29 -14.66
CA LEU B 328 -23.98 7.63 -13.45
C LEU B 328 -24.27 8.60 -12.29
N LEU B 329 -24.04 9.89 -12.47
CA LEU B 329 -24.46 10.89 -11.49
C LEU B 329 -25.84 11.46 -11.79
N LEU B 330 -26.73 10.68 -12.40
CA LEU B 330 -28.14 11.05 -12.48
C LEU B 330 -28.82 10.57 -11.20
N LEU B 331 -29.45 11.51 -10.48
CA LEU B 331 -30.19 11.29 -9.23
C LEU B 331 -29.34 10.64 -8.13
N CYS B 332 -28.02 10.84 -8.20
CA CYS B 332 -27.01 10.19 -7.35
C CYS B 332 -27.17 8.66 -7.35
N ARG B 333 -27.03 8.08 -8.54
CA ARG B 333 -27.11 6.64 -8.75
C ARG B 333 -25.73 6.02 -8.93
N TRP B 334 -24.73 6.52 -8.21
CA TRP B 334 -23.36 6.08 -8.36
C TRP B 334 -22.93 5.24 -7.16
N ASP B 335 -22.29 4.11 -7.44
CA ASP B 335 -21.73 3.27 -6.40
C ASP B 335 -20.58 2.46 -7.01
N LYS B 336 -19.52 2.29 -6.23
CA LYS B 336 -18.38 1.50 -6.69
C LYS B 336 -18.74 0.02 -6.78
N ARG B 337 -19.62 -0.46 -5.90
CA ARG B 337 -20.09 -1.84 -5.94
C ARG B 337 -21.11 -2.09 -7.04
N ARG B 338 -21.63 -1.03 -7.66
CA ARG B 338 -22.57 -1.18 -8.76
C ARG B 338 -21.91 -1.64 -10.05
N TRP B 339 -20.58 -1.63 -10.12
CA TRP B 339 -19.87 -2.18 -11.26
C TRP B 339 -19.95 -3.70 -11.24
N ARG B 340 -20.34 -4.28 -12.36
CA ARG B 340 -20.47 -5.73 -12.45
C ARG B 340 -19.11 -6.41 -12.44
N LYS B 341 -19.09 -7.65 -11.96
CA LYS B 341 -17.87 -8.43 -11.87
C LYS B 341 -18.21 -9.90 -12.12
N ILE B 342 -17.21 -10.63 -12.62
CA ILE B 342 -17.38 -12.05 -12.93
C ILE B 342 -16.44 -12.83 -12.04
N PRO B 343 -16.69 -14.14 -11.88
CA PRO B 343 -15.88 -15.06 -11.06
C PRO B 343 -14.91 -15.88 -11.91
N ASP C 1 30.41 -7.17 17.56
CA ASP C 1 29.01 -6.75 17.71
C ASP C 1 28.88 -5.23 17.73
N VAL C 2 28.01 -4.73 18.60
CA VAL C 2 27.77 -3.30 18.72
C VAL C 2 28.99 -2.63 19.34
N GLN C 3 29.41 -1.50 18.79
CA GLN C 3 30.56 -0.76 19.28
C GLN C 3 30.29 0.73 19.19
N LEU C 4 30.56 1.44 20.28
CA LEU C 4 30.46 2.90 20.33
C LEU C 4 31.71 3.44 21.00
N VAL C 5 32.62 4.02 20.23
CA VAL C 5 33.86 4.55 20.79
C VAL C 5 33.96 6.03 20.48
N GLU C 6 34.38 6.82 21.45
CA GLU C 6 34.47 8.26 21.29
C GLU C 6 35.89 8.77 21.53
N SER C 7 36.18 9.89 20.90
CA SER C 7 37.46 10.58 21.01
C SER C 7 37.21 12.08 21.10
N GLY C 8 38.25 12.80 21.51
CA GLY C 8 38.17 14.23 21.67
C GLY C 8 38.26 14.74 23.09
N GLY C 9 38.84 13.97 24.01
CA GLY C 9 39.00 14.39 25.38
C GLY C 9 40.38 14.94 25.65
N GLY C 10 40.82 14.79 26.90
CA GLY C 10 42.13 15.26 27.30
C GLY C 10 42.08 16.50 28.15
N LEU C 11 43.04 17.40 27.96
CA LEU C 11 43.11 18.66 28.69
C LEU C 11 43.19 19.80 27.68
N VAL C 12 42.33 20.79 27.87
CA VAL C 12 42.30 21.99 27.04
C VAL C 12 42.25 23.21 27.94
N GLN C 13 42.20 24.39 27.33
CA GLN C 13 42.14 25.61 28.12
C GLN C 13 40.70 26.00 28.40
N PRO C 14 40.42 26.58 29.57
CA PRO C 14 39.07 27.05 29.85
C PRO C 14 38.72 28.25 28.99
N GLY C 15 37.42 28.42 28.75
CA GLY C 15 36.92 29.45 27.87
C GLY C 15 36.97 29.11 26.39
N GLY C 16 37.80 28.16 25.99
CA GLY C 16 37.96 27.82 24.59
C GLY C 16 36.87 26.93 24.05
N SER C 17 37.22 26.09 23.08
CA SER C 17 36.28 25.23 22.41
C SER C 17 36.88 23.84 22.26
N ARG C 18 36.00 22.84 22.11
CA ARG C 18 36.45 21.47 22.02
C ARG C 18 35.40 20.64 21.29
N LYS C 19 35.84 19.81 20.37
CA LYS C 19 34.95 18.90 19.66
C LYS C 19 35.12 17.48 20.16
N LEU C 20 34.10 16.67 19.91
CA LEU C 20 33.96 15.35 20.49
C LEU C 20 33.26 14.46 19.46
N SER C 21 33.66 13.21 19.36
CA SER C 21 33.20 12.38 18.25
C SER C 21 33.08 10.94 18.69
N CYS C 22 31.86 10.40 18.71
CA CYS C 22 31.67 8.97 18.92
C CYS C 22 31.35 8.31 17.59
N SER C 23 32.24 7.45 17.14
CA SER C 23 31.98 6.62 15.98
C SER C 23 31.29 5.33 16.42
N ALA C 24 30.33 4.91 15.61
CA ALA C 24 29.53 3.72 15.87
C ALA C 24 29.88 2.65 14.84
N SER C 25 30.10 1.43 15.31
CA SER C 25 30.49 0.32 14.44
C SER C 25 29.76 -0.93 14.90
N GLY C 26 28.81 -1.39 14.10
CA GLY C 26 28.19 -2.67 14.37
C GLY C 26 26.68 -2.70 14.31
N PHE C 27 26.06 -1.63 13.85
CA PHE C 27 24.60 -1.55 13.80
C PHE C 27 24.20 -0.47 12.81
N ALA C 28 22.89 -0.33 12.60
CA ALA C 28 22.34 0.60 11.63
C ALA C 28 22.25 1.98 12.29
N PHE C 29 23.24 2.83 11.99
CA PHE C 29 23.41 4.08 12.72
C PHE C 29 22.34 5.11 12.36
N SER C 30 21.82 5.08 11.13
CA SER C 30 20.89 6.11 10.70
C SER C 30 19.52 5.98 11.34
N SER C 31 19.21 4.85 11.98
CA SER C 31 17.90 4.60 12.54
C SER C 31 17.84 4.81 14.04
N PHE C 32 18.95 5.17 14.68
CA PHE C 32 19.02 5.36 16.11
C PHE C 32 19.10 6.83 16.47
N GLY C 33 18.21 7.27 17.35
CA GLY C 33 18.44 8.50 18.06
C GLY C 33 19.66 8.39 18.95
N MET C 34 20.32 9.52 19.18
CA MET C 34 21.56 9.49 19.94
C MET C 34 21.48 10.50 21.08
N HIS C 35 22.24 10.21 22.14
CA HIS C 35 22.30 11.09 23.29
C HIS C 35 23.74 11.24 23.73
N TRP C 36 24.03 12.42 24.25
CA TRP C 36 25.23 12.69 25.03
C TRP C 36 24.80 12.90 26.47
N VAL C 37 25.44 12.18 27.39
CA VAL C 37 25.32 12.45 28.82
C VAL C 37 26.71 12.64 29.39
N ARG C 38 26.78 13.25 30.56
CA ARG C 38 28.05 13.52 31.20
C ARG C 38 27.94 13.27 32.69
N GLN C 39 29.08 12.95 33.29
CA GLN C 39 29.15 12.60 34.71
C GLN C 39 30.26 13.39 35.37
N ALA C 40 29.91 14.12 36.42
CA ALA C 40 30.91 14.84 37.20
C ALA C 40 31.85 13.84 37.88
N PRO C 41 33.15 14.16 37.99
CA PRO C 41 34.14 13.13 38.37
C PRO C 41 34.06 12.66 39.82
N GLU C 42 33.16 13.20 40.63
CA GLU C 42 32.85 12.65 41.93
C GLU C 42 31.36 12.52 42.20
N LYS C 43 30.52 13.15 41.38
CA LYS C 43 29.07 13.13 41.54
C LYS C 43 28.44 12.17 40.54
N GLY C 44 27.11 12.17 40.47
CA GLY C 44 26.38 11.37 39.52
C GLY C 44 26.43 11.93 38.12
N LEU C 45 25.65 11.32 37.24
CA LEU C 45 25.67 11.66 35.83
C LEU C 45 24.43 12.44 35.45
N GLU C 46 24.58 13.30 34.43
CA GLU C 46 23.51 14.17 33.97
C GLU C 46 23.49 14.18 32.45
N TRP C 47 22.37 14.58 31.89
CA TRP C 47 22.14 14.54 30.45
C TRP C 47 22.36 15.92 29.84
N VAL C 48 23.08 15.97 28.72
CA VAL C 48 23.40 17.24 28.08
C VAL C 48 22.74 17.39 26.72
N ALA C 49 22.68 16.36 25.88
CA ALA C 49 22.16 16.61 24.54
C ALA C 49 21.50 15.39 23.94
N TYR C 50 20.59 15.63 22.98
CA TYR C 50 19.93 14.55 22.26
C TYR C 50 19.68 14.98 20.82
N ILE C 51 19.96 14.08 19.89
CA ILE C 51 19.66 14.27 18.47
C ILE C 51 18.82 13.08 18.00
N SER C 52 17.92 13.33 17.07
CA SER C 52 16.95 12.32 16.68
C SER C 52 17.48 11.49 15.52
N SER C 53 16.60 10.71 14.91
CA SER C 53 16.93 9.91 13.74
C SER C 53 16.80 10.78 12.49
N GLY C 54 17.91 10.93 11.77
CA GLY C 54 17.93 11.82 10.62
C GLY C 54 18.01 13.29 10.95
N SER C 55 18.46 13.63 12.17
CA SER C 55 18.71 14.99 12.64
C SER C 55 17.47 15.87 12.58
N GLY C 56 16.29 15.28 12.75
CA GLY C 56 15.06 16.04 12.67
C GLY C 56 14.75 16.87 13.89
N THR C 57 15.04 16.33 15.08
CA THR C 57 14.68 16.95 16.34
C THR C 57 15.89 16.95 17.25
N ILE C 58 16.24 18.12 17.77
CA ILE C 58 17.42 18.30 18.60
C ILE C 58 16.99 18.96 19.91
N TYR C 59 17.42 18.37 21.03
CA TYR C 59 17.10 18.93 22.34
C TYR C 59 18.38 19.12 23.14
N TYR C 60 18.48 20.25 23.81
CA TYR C 60 19.62 20.58 24.66
C TYR C 60 19.16 20.76 26.10
N ALA C 61 20.03 20.41 27.04
CA ALA C 61 19.80 20.75 28.42
C ALA C 61 19.93 22.26 28.61
N ASP C 62 19.14 22.80 29.54
CA ASP C 62 19.10 24.24 29.73
C ASP C 62 20.36 24.78 30.38
N THR C 63 21.19 23.91 30.96
CA THR C 63 22.51 24.32 31.40
C THR C 63 23.39 24.72 30.22
N VAL C 64 23.35 23.95 29.14
CA VAL C 64 24.20 24.16 27.98
C VAL C 64 23.38 24.54 26.74
N LYS C 65 22.17 25.07 26.94
CA LYS C 65 21.33 25.45 25.82
C LYS C 65 21.81 26.72 25.16
N GLY C 66 22.75 26.60 24.22
CA GLY C 66 23.20 27.76 23.48
C GLY C 66 24.69 27.79 23.18
N ARG C 67 25.50 27.22 24.07
CA ARG C 67 26.94 27.16 23.86
C ARG C 67 27.41 25.77 23.44
N PHE C 68 26.50 24.83 23.28
CA PHE C 68 26.79 23.48 22.81
C PHE C 68 26.11 23.28 21.46
N THR C 69 26.68 22.41 20.62
CA THR C 69 25.99 22.05 19.39
C THR C 69 26.27 20.59 19.05
N ILE C 70 25.26 19.94 18.47
CA ILE C 70 25.31 18.51 18.17
C ILE C 70 25.09 18.33 16.68
N SER C 71 25.67 17.27 16.13
CA SER C 71 25.52 16.94 14.72
C SER C 71 25.91 15.48 14.54
N ARG C 72 25.55 14.92 13.38
CA ARG C 72 25.91 13.53 13.10
C ARG C 72 26.36 13.40 11.65
N ASP C 73 26.91 12.24 11.33
CA ASP C 73 27.34 11.90 9.98
C ASP C 73 26.96 10.44 9.78
N ASP C 74 25.78 10.21 9.19
CA ASP C 74 25.26 8.87 8.97
C ASP C 74 26.05 8.08 7.91
N PRO C 75 26.51 8.67 6.75
CA PRO C 75 27.41 7.89 5.89
C PRO C 75 28.77 7.60 6.52
N LYS C 76 29.43 8.62 7.05
CA LYS C 76 30.71 8.38 7.71
C LYS C 76 30.56 7.83 9.12
N ASN C 77 29.34 7.76 9.63
CA ASN C 77 28.96 7.01 10.83
C ASN C 77 29.68 7.53 12.08
N THR C 78 29.46 8.80 12.38
CA THR C 78 30.00 9.43 13.58
C THR C 78 28.95 10.35 14.18
N LEU C 79 29.18 10.77 15.42
CA LEU C 79 28.33 11.75 16.08
C LEU C 79 29.24 12.79 16.73
N PHE C 80 29.08 14.04 16.29
CA PHE C 80 29.89 15.17 16.74
C PHE C 80 29.15 15.98 17.80
N LEU C 81 29.92 16.45 18.79
CA LEU C 81 29.48 17.43 19.77
C LEU C 81 30.56 18.49 19.86
N GLN C 82 30.20 19.73 19.58
CA GLN C 82 31.12 20.85 19.67
C GLN C 82 30.71 21.75 20.83
N MET C 83 31.71 22.20 21.59
CA MET C 83 31.46 22.95 22.82
C MET C 83 32.25 24.26 22.79
N THR C 84 31.52 25.37 22.86
CA THR C 84 32.09 26.70 23.01
C THR C 84 31.75 27.23 24.39
N SER C 85 32.47 28.30 24.78
CA SER C 85 32.38 28.94 26.09
C SER C 85 32.58 27.92 27.22
N LEU C 86 33.78 27.35 27.23
CA LEU C 86 34.08 26.16 28.02
C LEU C 86 34.34 26.57 29.46
N ARG C 87 33.39 26.24 30.35
CA ARG C 87 33.49 26.58 31.76
C ARG C 87 34.28 25.51 32.51
N SER C 88 34.20 25.54 33.83
CA SER C 88 34.71 24.47 34.68
C SER C 88 33.61 23.59 35.23
N GLU C 89 32.34 23.98 35.06
CA GLU C 89 31.22 23.09 35.35
C GLU C 89 31.00 22.05 34.26
N ASP C 90 31.67 22.18 33.13
CA ASP C 90 31.68 21.17 32.08
C ASP C 90 32.79 20.15 32.27
N THR C 91 33.43 20.13 33.45
CA THR C 91 34.42 19.12 33.80
C THR C 91 33.70 17.82 34.09
N ALA C 92 33.83 16.86 33.18
CA ALA C 92 33.04 15.64 33.30
C ALA C 92 33.66 14.50 32.51
N MET C 93 32.98 13.35 32.57
CA MET C 93 33.23 12.21 31.70
C MET C 93 32.03 12.08 30.76
N TYR C 94 32.29 12.03 29.47
CA TYR C 94 31.27 12.14 28.44
C TYR C 94 30.98 10.77 27.85
N TYR C 95 29.69 10.41 27.83
CA TYR C 95 29.19 9.14 27.34
C TYR C 95 28.27 9.39 26.15
N CYS C 96 28.39 8.52 25.15
CA CYS C 96 27.60 8.53 23.94
C CYS C 96 26.69 7.31 23.97
N VAL C 97 25.39 7.51 23.94
CA VAL C 97 24.43 6.42 24.18
C VAL C 97 23.33 6.45 23.12
N ARG C 98 23.14 5.33 22.43
CA ARG C 98 22.12 5.19 21.41
C ARG C 98 20.77 4.84 22.01
N SER C 99 19.72 5.12 21.26
CA SER C 99 18.35 5.00 21.76
C SER C 99 17.38 5.07 20.59
N ILE C 100 16.50 4.07 20.48
CA ILE C 100 15.55 3.99 19.38
C ILE C 100 14.14 3.92 19.97
N TYR C 101 13.20 4.61 19.33
CA TYR C 101 11.84 4.75 19.87
C TYR C 101 10.81 4.27 18.85
N TYR C 102 10.39 3.03 18.98
CA TYR C 102 9.15 2.55 18.42
C TYR C 102 8.36 1.93 19.57
N TYR C 103 7.30 1.21 19.24
CA TYR C 103 6.50 0.59 20.29
C TYR C 103 7.23 -0.59 20.89
N GLY C 104 7.55 -0.51 22.17
CA GLY C 104 8.15 -1.63 22.87
C GLY C 104 9.62 -1.83 22.59
N SER C 105 10.37 -0.76 22.36
CA SER C 105 11.81 -0.85 22.19
C SER C 105 12.49 -0.59 23.53
N SER C 106 13.82 -0.69 23.53
CA SER C 106 14.63 -0.44 24.72
C SER C 106 15.55 0.73 24.43
N PRO C 107 15.13 1.95 24.76
CA PRO C 107 16.04 3.09 24.67
C PRO C 107 17.17 2.97 25.69
N PHE C 108 18.26 3.69 25.40
CA PHE C 108 19.46 3.74 26.23
C PHE C 108 20.09 2.37 26.43
N ASP C 109 19.99 1.51 25.40
CA ASP C 109 20.36 0.12 25.61
C ASP C 109 21.87 -0.09 25.55
N PHE C 110 22.58 0.69 24.74
CA PHE C 110 24.02 0.56 24.64
C PHE C 110 24.68 1.90 24.88
N TRP C 111 25.72 1.88 25.70
CA TRP C 111 26.43 3.09 26.11
C TRP C 111 27.88 2.98 25.69
N GLY C 112 28.43 4.08 25.20
CA GLY C 112 29.82 4.09 24.80
C GLY C 112 30.76 4.06 25.98
N GLN C 113 32.05 3.88 25.67
CA GLN C 113 33.06 3.77 26.73
C GLN C 113 33.29 5.11 27.40
N GLY C 114 33.37 6.18 26.64
CA GLY C 114 33.39 7.50 27.22
C GLY C 114 34.76 8.15 27.17
N THR C 115 34.76 9.46 26.92
CA THR C 115 35.98 10.26 27.05
C THR C 115 35.91 11.05 28.34
N THR C 116 37.00 11.71 28.69
CA THR C 116 37.02 12.51 29.90
C THR C 116 37.53 13.90 29.57
N LEU C 117 36.68 14.91 29.77
CA LEU C 117 37.04 16.30 29.54
C LEU C 117 37.20 16.95 30.90
N THR C 118 38.45 17.07 31.34
CA THR C 118 38.79 17.65 32.64
C THR C 118 39.53 18.96 32.41
N VAL C 119 38.97 20.04 32.94
CA VAL C 119 39.49 21.39 32.74
C VAL C 119 39.52 22.13 34.07
N SER C 120 40.36 23.16 34.11
CA SER C 120 40.47 24.05 35.26
C SER C 120 41.07 25.36 34.81
N SER C 121 40.84 26.40 35.60
CA SER C 121 41.40 27.72 35.31
C SER C 121 42.68 27.93 36.09
N GLY C 134 18.18 22.86 37.57
CA GLY C 134 16.97 22.10 37.82
C GLY C 134 15.74 22.97 37.99
N GLY C 135 15.47 23.82 36.99
CA GLY C 135 14.33 24.71 36.99
C GLY C 135 13.34 24.32 35.91
N SER C 136 12.06 24.22 36.30
CA SER C 136 10.94 23.87 35.43
C SER C 136 11.14 22.50 34.77
N ASP C 137 11.29 21.48 35.62
CA ASP C 137 11.43 20.10 35.18
C ASP C 137 11.08 19.18 36.34
N ILE C 138 11.15 17.87 36.09
CA ILE C 138 10.98 16.87 37.12
C ILE C 138 12.35 16.53 37.68
N VAL C 139 12.50 16.55 38.99
CA VAL C 139 13.73 16.15 39.64
C VAL C 139 13.55 14.78 40.27
N MET C 140 14.43 13.85 39.90
CA MET C 140 14.37 12.47 40.37
C MET C 140 15.31 12.33 41.56
N THR C 141 14.75 12.12 42.75
CA THR C 141 15.53 12.07 43.97
C THR C 141 15.56 10.66 44.55
N GLN C 142 16.65 10.37 45.25
CA GLN C 142 16.79 9.16 46.04
C GLN C 142 17.72 9.47 47.20
N ALA C 143 17.23 9.27 48.42
CA ALA C 143 17.90 9.76 49.62
C ALA C 143 18.74 8.69 50.31
N THR C 144 19.38 7.82 49.54
CA THR C 144 20.28 6.82 50.09
C THR C 144 21.46 6.66 49.15
N SER C 145 22.67 6.68 49.69
CA SER C 145 23.87 6.67 48.87
C SER C 145 24.79 5.49 49.11
N SER C 146 24.56 4.67 50.13
CA SER C 146 25.43 3.52 50.40
C SER C 146 24.60 2.43 51.07
N VAL C 147 24.37 1.33 50.37
CA VAL C 147 23.71 0.15 50.93
C VAL C 147 24.64 -1.04 50.78
N PRO C 148 25.57 -1.28 51.70
CA PRO C 148 26.42 -2.48 51.60
C PRO C 148 25.77 -3.72 52.19
N VAL C 149 25.47 -4.70 51.34
CA VAL C 149 24.79 -5.93 51.74
C VAL C 149 25.66 -7.11 51.31
N THR C 150 25.70 -8.14 52.15
CA THR C 150 26.31 -9.41 51.78
C THR C 150 25.53 -10.07 50.66
N PRO C 151 26.17 -10.90 49.83
CA PRO C 151 25.43 -11.66 48.81
C PRO C 151 24.47 -12.66 49.43
N GLY C 152 23.27 -12.72 48.89
CA GLY C 152 22.24 -13.61 49.39
C GLY C 152 21.18 -12.91 50.21
N GLU C 153 20.74 -11.75 49.75
CA GLU C 153 19.69 -10.99 50.44
C GLU C 153 19.00 -10.08 49.43
N SER C 154 17.70 -9.88 49.64
CA SER C 154 16.89 -9.06 48.76
C SER C 154 17.09 -7.59 49.11
N VAL C 155 17.53 -6.80 48.14
CA VAL C 155 17.83 -5.39 48.32
C VAL C 155 16.82 -4.57 47.52
N SER C 156 16.22 -3.59 48.18
CA SER C 156 15.21 -2.74 47.56
C SER C 156 15.72 -1.31 47.52
N ILE C 157 15.86 -0.78 46.30
CA ILE C 157 16.29 0.60 46.09
C ILE C 157 15.06 1.41 45.71
N SER C 158 14.91 2.59 46.29
CA SER C 158 13.78 3.45 45.98
C SER C 158 14.25 4.70 45.26
N CYS C 159 13.28 5.43 44.72
CA CYS C 159 13.52 6.67 43.99
C CYS C 159 12.20 7.41 43.93
N ARG C 160 12.22 8.70 44.27
CA ARG C 160 11.01 9.50 44.35
C ARG C 160 11.01 10.56 43.26
N SER C 161 9.83 10.85 42.74
CA SER C 161 9.64 11.85 41.70
C SER C 161 8.88 13.04 42.26
N SER C 162 8.78 14.09 41.44
CA SER C 162 8.00 15.27 41.78
C SER C 162 6.58 15.21 41.27
N LYS C 163 6.35 14.52 40.16
CA LYS C 163 5.04 14.40 39.54
C LYS C 163 4.83 12.95 39.16
N SER C 164 3.59 12.61 38.83
CA SER C 164 3.28 11.26 38.41
C SER C 164 3.85 11.00 37.02
N LEU C 165 4.70 9.98 36.91
CA LEU C 165 5.26 9.58 35.63
C LEU C 165 4.27 8.81 34.77
N LEU C 166 3.13 8.42 35.32
CA LEU C 166 2.12 7.67 34.58
C LEU C 166 1.44 8.59 33.60
N HIS C 167 1.71 8.38 32.31
CA HIS C 167 1.10 9.20 31.28
C HIS C 167 -0.31 8.67 30.95
N SER C 168 -0.98 9.33 30.00
CA SER C 168 -2.36 8.98 29.68
C SER C 168 -2.45 7.65 28.94
N ASN C 169 -1.37 7.24 28.26
CA ASN C 169 -1.41 5.98 27.52
C ASN C 169 -1.18 4.77 28.41
N GLY C 170 -0.79 4.97 29.67
CA GLY C 170 -0.62 3.88 30.61
C GLY C 170 0.81 3.60 31.00
N ASN C 171 1.78 4.10 30.24
CA ASN C 171 3.17 3.82 30.52
C ASN C 171 3.68 4.67 31.68
N THR C 172 4.72 4.16 32.33
CA THR C 172 5.42 4.86 33.40
C THR C 172 6.88 4.91 33.05
N TYR C 173 7.38 6.11 32.73
CA TYR C 173 8.63 6.26 31.98
C TYR C 173 9.80 6.38 32.95
N LEU C 174 10.06 5.30 33.69
CA LEU C 174 11.18 5.24 34.63
C LEU C 174 12.18 4.20 34.16
N TYR C 175 13.45 4.58 34.13
CA TYR C 175 14.51 3.73 33.62
C TYR C 175 15.52 3.51 34.73
N TRP C 176 16.00 2.28 34.88
CA TRP C 176 17.02 1.98 35.87
C TRP C 176 18.34 1.68 35.16
N PHE C 177 19.43 2.20 35.70
CA PHE C 177 20.75 1.95 35.14
C PHE C 177 21.69 1.49 36.24
N LEU C 178 22.42 0.42 35.97
CA LEU C 178 23.53 0.01 36.81
C LEU C 178 24.82 0.57 36.21
N GLN C 179 25.77 0.88 37.09
CA GLN C 179 27.12 1.21 36.66
C GLN C 179 28.08 0.45 37.55
N ARG C 180 28.78 -0.53 36.97
CA ARG C 180 29.87 -1.18 37.67
C ARG C 180 31.05 -0.23 37.79
N PRO C 181 31.82 -0.31 38.87
CA PRO C 181 32.98 0.57 39.02
C PRO C 181 34.08 0.25 38.03
N GLY C 182 34.35 1.18 37.12
CA GLY C 182 35.40 1.04 36.14
C GLY C 182 34.95 0.82 34.71
N GLN C 183 33.67 0.96 34.41
CA GLN C 183 33.19 0.75 33.04
C GLN C 183 31.94 1.60 32.82
N SER C 184 31.34 1.44 31.66
CA SER C 184 30.20 2.22 31.21
C SER C 184 28.93 1.78 31.92
N PRO C 185 27.92 2.66 31.98
CA PRO C 185 26.63 2.24 32.56
C PRO C 185 25.92 1.23 31.69
N GLN C 186 25.03 0.47 32.33
CA GLN C 186 24.27 -0.58 31.67
C GLN C 186 22.80 -0.39 31.98
N LEU C 187 21.97 -0.52 30.96
CA LEU C 187 20.52 -0.44 31.15
C LEU C 187 20.05 -1.73 31.80
N LEU C 188 19.44 -1.62 32.98
CA LEU C 188 18.90 -2.80 33.66
C LEU C 188 17.47 -3.05 33.22
N ILE C 189 16.56 -2.13 33.57
CA ILE C 189 15.17 -2.24 33.16
C ILE C 189 14.71 -0.89 32.62
N TYR C 190 13.63 -0.93 31.83
CA TYR C 190 13.10 0.22 31.13
C TYR C 190 11.58 0.24 31.25
N ARG C 191 11.02 1.45 31.34
CA ARG C 191 9.63 1.72 31.71
C ARG C 191 9.21 1.02 32.99
N MET C 192 10.14 0.92 33.95
CA MET C 192 10.03 0.39 35.32
C MET C 192 9.36 -0.98 35.42
N SER C 193 9.27 -1.75 34.34
CA SER C 193 8.82 -3.12 34.45
C SER C 193 9.57 -4.10 33.58
N ASN C 194 10.19 -3.67 32.49
CA ASN C 194 10.62 -4.55 31.42
C ASN C 194 12.14 -4.64 31.41
N LEU C 195 12.65 -5.86 31.47
CA LEU C 195 14.07 -6.10 31.57
C LEU C 195 14.74 -6.01 30.20
N ALA C 196 16.00 -5.58 30.21
CA ALA C 196 16.77 -5.53 28.98
C ALA C 196 17.19 -6.92 28.55
N SER C 197 17.63 -7.02 27.30
CA SER C 197 18.10 -8.29 26.75
C SER C 197 19.57 -8.44 27.06
N GLY C 198 19.89 -9.30 28.02
CA GLY C 198 21.26 -9.53 28.41
C GLY C 198 21.48 -9.47 29.91
N VAL C 199 20.47 -9.03 30.64
CA VAL C 199 20.58 -8.90 32.09
C VAL C 199 20.00 -10.16 32.74
N PRO C 200 20.48 -10.56 33.91
CA PRO C 200 19.86 -11.68 34.61
C PRO C 200 18.49 -11.30 35.14
N ASP C 201 17.62 -12.30 35.24
CA ASP C 201 16.20 -12.07 35.51
C ASP C 201 15.88 -12.04 37.00
N ARG C 202 16.86 -11.71 37.84
CA ARG C 202 16.60 -11.53 39.26
C ARG C 202 16.18 -10.11 39.62
N PHE C 203 16.49 -9.14 38.76
CA PHE C 203 16.02 -7.77 38.96
C PHE C 203 14.53 -7.68 38.71
N SER C 204 13.87 -6.82 39.48
CA SER C 204 12.43 -6.64 39.29
C SER C 204 12.06 -5.24 39.78
N GLY C 205 11.65 -4.37 38.89
CA GLY C 205 11.21 -3.04 39.25
C GLY C 205 9.70 -2.93 39.23
N SER C 206 9.18 -2.08 40.11
CA SER C 206 7.74 -1.89 40.21
C SER C 206 7.49 -0.52 40.82
N GLY C 207 6.21 -0.21 41.01
CA GLY C 207 5.82 1.07 41.56
C GLY C 207 4.56 1.62 40.94
N SER C 208 4.15 2.80 41.40
CA SER C 208 2.97 3.48 40.87
C SER C 208 3.11 4.97 41.14
N GLY C 209 2.97 5.77 40.08
CA GLY C 209 2.84 7.20 40.19
C GLY C 209 4.12 7.90 40.61
N THR C 210 4.48 7.70 41.87
CA THR C 210 5.71 8.22 42.44
C THR C 210 6.52 7.17 43.17
N ALA C 211 5.90 6.11 43.70
CA ALA C 211 6.64 5.04 44.36
C ALA C 211 7.32 4.20 43.30
N PHE C 212 8.64 4.02 43.42
CA PHE C 212 9.42 3.34 42.40
C PHE C 212 10.50 2.51 43.08
N THR C 213 10.34 1.19 43.08
CA THR C 213 11.24 0.29 43.81
C THR C 213 11.87 -0.71 42.85
N LEU C 214 13.20 -0.77 42.85
CA LEU C 214 13.95 -1.83 42.17
C LEU C 214 14.39 -2.85 43.21
N THR C 215 13.97 -4.10 43.03
CA THR C 215 14.28 -5.17 43.96
C THR C 215 15.23 -6.16 43.29
N ILE C 216 16.34 -6.43 43.95
CA ILE C 216 17.31 -7.42 43.53
C ILE C 216 17.24 -8.58 44.50
N SER C 217 17.06 -9.79 44.00
CA SER C 217 17.00 -10.98 44.83
C SER C 217 18.14 -11.91 44.45
N ARG C 218 18.72 -12.55 45.47
CA ARG C 218 19.90 -13.43 45.36
C ARG C 218 21.06 -12.69 44.69
N LEU C 219 21.54 -11.67 45.38
CA LEU C 219 22.61 -10.83 44.88
C LEU C 219 23.95 -11.58 44.93
N GLU C 220 24.86 -11.20 44.02
CA GLU C 220 26.24 -11.68 44.06
C GLU C 220 27.15 -10.49 43.81
N ALA C 221 28.45 -10.77 43.67
CA ALA C 221 29.46 -9.74 43.52
C ALA C 221 29.57 -9.18 42.10
N GLU C 222 28.57 -9.41 41.25
CA GLU C 222 28.51 -8.80 39.93
C GLU C 222 27.48 -7.67 39.86
N ASP C 223 26.68 -7.48 40.90
CA ASP C 223 25.69 -6.42 40.95
C ASP C 223 26.12 -5.26 41.83
N VAL C 224 27.42 -5.14 42.10
CA VAL C 224 27.93 -4.07 42.94
C VAL C 224 28.30 -2.88 42.07
N GLY C 225 27.83 -1.71 42.46
CA GLY C 225 28.02 -0.51 41.67
C GLY C 225 27.03 0.55 42.12
N VAL C 226 26.77 1.48 41.22
CA VAL C 226 25.84 2.58 41.50
C VAL C 226 24.58 2.36 40.68
N TYR C 227 23.45 2.77 41.26
CA TYR C 227 22.13 2.59 40.64
C TYR C 227 21.49 3.94 40.43
N TYR C 228 21.01 4.17 39.21
CA TYR C 228 20.46 5.48 38.84
C TYR C 228 19.05 5.29 38.31
N CYS C 229 18.09 5.97 38.92
CA CYS C 229 16.79 6.11 38.29
C CYS C 229 16.84 7.27 37.31
N MET C 230 15.93 7.23 36.33
CA MET C 230 15.95 8.23 35.27
C MET C 230 14.54 8.37 34.72
N GLN C 231 14.16 9.58 34.35
CA GLN C 231 12.81 9.83 33.90
C GLN C 231 12.79 10.22 32.42
N HIS C 232 11.69 9.89 31.76
CA HIS C 232 11.56 10.16 30.33
C HIS C 232 10.19 10.71 29.98
N LEU C 233 9.44 11.22 30.96
CA LEU C 233 8.11 11.74 30.72
C LEU C 233 8.15 13.02 29.89
N GLU C 234 9.19 13.82 30.06
CA GLU C 234 9.30 15.10 29.38
C GLU C 234 10.76 15.51 29.36
N TYR C 235 11.04 16.47 28.61
CA TYR C 235 12.37 17.00 28.53
C TYR C 235 12.53 18.20 29.46
N PRO C 236 13.69 18.37 30.12
CA PRO C 236 14.93 17.61 30.05
C PRO C 236 14.93 16.28 30.81
N LEU C 237 15.75 15.36 30.35
CA LEU C 237 15.85 14.03 30.92
C LEU C 237 16.76 14.10 32.14
N THR C 238 16.16 14.10 33.33
CA THR C 238 16.88 14.30 34.57
C THR C 238 17.10 12.97 35.28
N PHE C 239 18.30 12.78 35.78
CA PHE C 239 18.72 11.53 36.39
C PHE C 239 18.45 11.55 37.89
N GLY C 240 18.89 10.50 38.57
CA GLY C 240 18.89 10.46 40.02
C GLY C 240 20.29 10.69 40.56
N ALA C 241 20.36 10.83 41.88
CA ALA C 241 21.64 11.12 42.52
C ALA C 241 22.54 9.90 42.56
N GLY C 242 21.96 8.72 42.76
CA GLY C 242 22.73 7.49 42.80
C GLY C 242 22.52 6.70 44.07
N THR C 243 22.90 5.43 44.04
CA THR C 243 22.84 4.58 45.23
C THR C 243 23.90 3.49 45.09
N LYS C 244 24.88 3.49 45.96
CA LYS C 244 25.99 2.54 45.87
C LYS C 244 25.70 1.30 46.70
N LEU C 245 25.99 0.15 46.12
CA LEU C 245 25.91 -1.13 46.82
C LEU C 245 27.31 -1.72 46.87
N GLU C 246 27.89 -1.74 48.08
CA GLU C 246 29.25 -2.20 48.29
C GLU C 246 29.27 -3.63 48.78
N LEU C 247 30.47 -4.13 49.06
CA LEU C 247 30.63 -5.46 49.65
C LEU C 247 30.55 -5.35 51.17
N LYS C 248 30.87 -6.44 51.85
CA LYS C 248 31.05 -6.43 53.30
C LYS C 248 32.34 -7.15 53.68
N SER D 7 -5.93 -55.52 -13.65
CA SER D 7 -7.29 -55.80 -13.20
C SER D 7 -7.46 -55.41 -11.73
N GLU D 8 -6.33 -55.16 -11.06
CA GLU D 8 -6.38 -54.82 -9.65
C GLU D 8 -6.81 -53.37 -9.42
N LEU D 9 -6.48 -52.49 -10.36
CA LEU D 9 -6.83 -51.07 -10.23
C LEU D 9 -8.33 -50.86 -10.29
N ASP D 10 -9.05 -51.70 -11.04
CA ASP D 10 -10.51 -51.64 -11.09
C ASP D 10 -11.12 -51.96 -9.75
N GLN D 11 -10.66 -53.06 -9.13
CA GLN D 11 -11.13 -53.45 -7.80
C GLN D 11 -10.78 -52.42 -6.75
N LEU D 12 -9.61 -51.77 -6.87
CA LEU D 12 -9.22 -50.77 -5.89
C LEU D 12 -10.06 -49.50 -6.03
N ARG D 13 -10.35 -49.07 -7.26
CA ARG D 13 -11.21 -47.90 -7.46
C ARG D 13 -12.64 -48.16 -6.99
N GLN D 14 -13.18 -49.36 -7.27
CA GLN D 14 -14.54 -49.65 -6.84
C GLN D 14 -14.61 -49.86 -5.33
N GLU D 15 -13.56 -50.40 -4.71
CA GLU D 15 -13.50 -50.48 -3.26
C GLU D 15 -13.43 -49.10 -2.63
N ALA D 16 -12.71 -48.17 -3.26
CA ALA D 16 -12.65 -46.80 -2.77
C ALA D 16 -14.00 -46.10 -2.87
N GLU D 17 -14.74 -46.34 -3.97
CA GLU D 17 -16.05 -45.71 -4.09
C GLU D 17 -17.05 -46.35 -3.14
N GLN D 18 -16.90 -47.66 -2.88
CA GLN D 18 -17.75 -48.32 -1.89
C GLN D 18 -17.49 -47.78 -0.49
N LEU D 19 -16.22 -47.50 -0.16
CA LEU D 19 -15.90 -46.92 1.14
C LEU D 19 -16.40 -45.49 1.24
N LYS D 20 -16.37 -44.76 0.13
CA LYS D 20 -16.93 -43.40 0.10
C LYS D 20 -18.43 -43.44 0.34
N ASN D 21 -19.12 -44.41 -0.27
CA ASN D 21 -20.55 -44.59 -0.03
C ASN D 21 -20.83 -45.01 1.41
N GLN D 22 -19.97 -45.85 1.99
CA GLN D 22 -20.14 -46.29 3.37
C GLN D 22 -19.97 -45.14 4.34
N ILE D 23 -18.95 -44.30 4.13
CA ILE D 23 -18.76 -43.12 4.97
C ILE D 23 -19.91 -42.14 4.80
N ARG D 24 -20.43 -42.01 3.58
CA ARG D 24 -21.53 -41.08 3.31
C ARG D 24 -22.81 -41.50 4.02
N ASP D 25 -23.22 -42.77 3.87
CA ASP D 25 -24.48 -43.16 4.48
C ASP D 25 -24.34 -43.48 5.97
N ALA D 26 -23.12 -43.74 6.46
CA ALA D 26 -22.93 -43.80 7.90
C ALA D 26 -22.96 -42.42 8.52
N ARG D 27 -22.45 -41.42 7.80
CA ARG D 27 -22.53 -40.04 8.24
C ARG D 27 -23.97 -39.54 8.21
N LYS D 28 -24.77 -40.04 7.26
CA LYS D 28 -26.17 -39.65 7.21
C LYS D 28 -26.95 -40.19 8.41
N ALA D 29 -26.60 -41.39 8.87
CA ALA D 29 -27.23 -41.92 10.07
C ALA D 29 -26.68 -41.26 11.33
N CYS D 30 -25.50 -40.65 11.24
CA CYS D 30 -24.98 -39.88 12.38
C CYS D 30 -25.74 -38.57 12.56
N ALA D 31 -26.31 -38.04 11.48
CA ALA D 31 -27.04 -36.78 11.52
C ALA D 31 -28.38 -36.96 12.22
N ASP D 32 -28.55 -36.32 13.37
CA ASP D 32 -29.86 -36.26 14.00
C ASP D 32 -30.72 -35.18 13.34
N ALA D 33 -30.26 -33.94 13.42
CA ALA D 33 -30.96 -32.81 12.83
C ALA D 33 -29.92 -31.85 12.29
N THR D 34 -30.33 -30.63 11.98
CA THR D 34 -29.42 -29.60 11.52
C THR D 34 -29.29 -28.51 12.57
N LEU D 35 -28.30 -27.64 12.36
CA LEU D 35 -28.07 -26.53 13.28
C LEU D 35 -29.16 -25.47 13.15
N SER D 36 -29.81 -25.36 11.99
CA SER D 36 -30.94 -24.45 11.85
C SER D 36 -32.15 -24.91 12.66
N GLN D 37 -32.25 -26.21 12.91
CA GLN D 37 -33.38 -26.74 13.66
C GLN D 37 -33.19 -26.52 15.16
N ILE D 38 -31.95 -26.57 15.64
CA ILE D 38 -31.71 -26.50 17.07
C ILE D 38 -31.81 -25.07 17.57
N THR D 39 -31.26 -24.12 16.82
CA THR D 39 -31.14 -22.73 17.27
C THR D 39 -32.36 -21.88 16.94
N ASN D 40 -33.54 -22.48 16.81
CA ASN D 40 -34.75 -21.70 16.66
C ASN D 40 -35.27 -21.16 17.99
N ASN D 41 -34.62 -21.48 19.11
CA ASN D 41 -35.05 -21.02 20.42
C ASN D 41 -34.14 -19.94 21.00
N ILE D 42 -33.09 -19.54 20.29
CA ILE D 42 -32.21 -18.49 20.76
C ILE D 42 -32.56 -17.21 20.00
N ASP D 43 -32.33 -16.07 20.65
CA ASP D 43 -32.61 -14.76 20.10
C ASP D 43 -31.50 -14.32 19.15
N PRO D 44 -31.82 -13.61 18.08
CA PRO D 44 -30.77 -13.13 17.17
C PRO D 44 -30.04 -11.93 17.76
N VAL D 45 -28.93 -11.58 17.11
CA VAL D 45 -28.15 -10.44 17.57
C VAL D 45 -28.73 -9.12 17.12
N GLY D 46 -29.53 -9.11 16.06
CA GLY D 46 -30.01 -7.87 15.48
C GLY D 46 -28.95 -7.24 14.60
N ARG D 47 -29.34 -6.15 13.94
CA ARG D 47 -28.42 -5.45 13.05
C ARG D 47 -27.39 -4.70 13.87
N ILE D 48 -26.13 -5.05 13.70
CA ILE D 48 -25.04 -4.35 14.36
C ILE D 48 -24.41 -3.38 13.38
N GLN D 49 -23.88 -2.29 13.90
CA GLN D 49 -23.29 -1.23 13.09
C GLN D 49 -21.86 -1.01 13.57
N MET D 50 -20.93 -1.78 13.02
CA MET D 50 -19.53 -1.55 13.29
C MET D 50 -19.01 -0.43 12.41
N ARG D 51 -18.08 0.35 12.95
CA ARG D 51 -17.60 1.54 12.26
C ARG D 51 -16.09 1.52 12.15
N THR D 52 -15.59 2.30 11.20
CA THR D 52 -14.16 2.46 11.01
C THR D 52 -13.59 3.34 12.10
N ARG D 53 -12.62 2.83 12.84
CA ARG D 53 -11.92 3.62 13.84
C ARG D 53 -10.59 4.14 13.36
N ARG D 54 -9.84 3.33 12.61
CA ARG D 54 -8.60 3.76 12.01
C ARG D 54 -8.59 3.41 10.54
N THR D 55 -7.84 4.18 9.76
CA THR D 55 -7.51 3.84 8.39
C THR D 55 -6.01 3.97 8.26
N LEU D 56 -5.38 2.99 7.64
CA LEU D 56 -3.94 2.81 7.71
C LEU D 56 -3.38 2.98 6.30
N ARG D 57 -3.12 4.24 5.92
CA ARG D 57 -2.70 4.57 4.56
C ARG D 57 -1.19 4.56 4.51
N GLY D 58 -0.62 3.39 4.25
CA GLY D 58 0.81 3.32 4.05
C GLY D 58 1.21 2.54 2.82
N HIS D 59 0.30 1.73 2.31
CA HIS D 59 0.64 0.80 1.24
C HIS D 59 0.36 1.42 -0.12
N LEU D 60 1.10 0.94 -1.11
CA LEU D 60 1.03 1.46 -2.47
C LEU D 60 0.37 0.50 -3.44
N ALA D 61 0.74 -0.77 -3.42
CA ALA D 61 0.07 -1.75 -4.27
C ALA D 61 -1.06 -2.40 -3.50
N LYS D 62 -1.60 -3.49 -4.02
CA LYS D 62 -2.71 -4.17 -3.38
C LYS D 62 -2.25 -5.00 -2.20
N ILE D 63 -2.98 -4.90 -1.09
CA ILE D 63 -2.66 -5.64 0.12
C ILE D 63 -3.19 -7.06 -0.01
N TYR D 64 -2.31 -8.04 0.21
CA TYR D 64 -2.71 -9.43 0.04
C TYR D 64 -2.97 -10.15 1.35
N ALA D 65 -2.24 -9.84 2.41
CA ALA D 65 -2.39 -10.58 3.66
C ALA D 65 -2.03 -9.71 4.84
N MET D 66 -2.78 -9.86 5.92
CA MET D 66 -2.41 -9.33 7.22
C MET D 66 -2.58 -10.40 8.29
N HIS D 67 -2.01 -10.12 9.47
CA HIS D 67 -2.08 -11.03 10.60
C HIS D 67 -1.84 -10.22 11.86
N TRP D 68 -2.80 -10.24 12.79
CA TRP D 68 -2.69 -9.51 14.03
C TRP D 68 -1.58 -10.09 14.91
N GLY D 69 -1.12 -9.26 15.83
CA GLY D 69 -0.23 -9.74 16.86
C GLY D 69 -0.99 -10.45 17.96
N THR D 70 -0.27 -11.29 18.70
CA THR D 70 -0.91 -11.98 19.81
C THR D 70 -1.18 -11.06 20.99
N ASP D 71 -0.54 -9.90 21.03
CA ASP D 71 -0.80 -8.88 22.03
C ASP D 71 -1.94 -7.96 21.64
N SER D 72 -2.62 -8.26 20.53
CA SER D 72 -3.82 -7.62 20.03
C SER D 72 -3.63 -6.15 19.70
N ARG D 73 -2.40 -5.67 19.55
CA ARG D 73 -2.17 -4.26 19.28
C ARG D 73 -1.45 -4.00 17.97
N LEU D 74 -0.33 -4.66 17.70
CA LEU D 74 0.35 -4.50 16.43
C LEU D 74 -0.26 -5.41 15.38
N LEU D 75 0.08 -5.15 14.13
CA LEU D 75 -0.26 -6.07 13.06
C LEU D 75 0.68 -5.88 11.88
N VAL D 76 0.94 -6.96 11.18
CA VAL D 76 1.82 -6.98 10.01
C VAL D 76 0.95 -6.96 8.77
N SER D 77 1.30 -6.13 7.79
CA SER D 77 0.62 -6.19 6.51
C SER D 77 1.62 -6.35 5.39
N ALA D 78 1.20 -7.07 4.36
CA ALA D 78 2.02 -7.39 3.21
C ALA D 78 1.26 -7.01 1.94
N SER D 79 1.96 -6.36 1.03
CA SER D 79 1.36 -5.93 -0.22
C SER D 79 2.36 -6.12 -1.34
N GLN D 80 1.88 -5.93 -2.56
CA GLN D 80 2.60 -6.28 -3.76
C GLN D 80 3.69 -5.29 -4.14
N ASP D 81 3.83 -4.19 -3.41
CA ASP D 81 4.94 -3.27 -3.65
C ASP D 81 6.26 -3.86 -3.19
N GLY D 82 6.23 -4.87 -2.34
CA GLY D 82 7.45 -5.51 -1.89
C GLY D 82 7.90 -5.02 -0.55
N LYS D 83 6.96 -4.83 0.37
CA LYS D 83 7.26 -4.26 1.68
C LYS D 83 6.26 -4.77 2.70
N LEU D 84 6.78 -5.43 3.74
CA LEU D 84 5.98 -5.69 4.93
C LEU D 84 6.05 -4.47 5.81
N ILE D 85 4.92 -4.02 6.36
CA ILE D 85 5.00 -2.98 7.37
C ILE D 85 4.24 -3.40 8.60
N ILE D 86 4.86 -3.16 9.75
CA ILE D 86 4.33 -3.53 11.05
C ILE D 86 3.81 -2.28 11.71
N TRP D 87 2.51 -2.27 12.00
CA TRP D 87 1.82 -1.10 12.52
C TRP D 87 1.48 -1.27 13.98
N ASP D 88 1.56 -0.17 14.71
CA ASP D 88 0.87 0.00 15.99
C ASP D 88 -0.53 0.49 15.68
N SER D 89 -1.53 -0.39 15.80
CA SER D 89 -2.87 -0.03 15.36
C SER D 89 -3.57 0.95 16.29
N TYR D 90 -3.06 1.16 17.50
CA TYR D 90 -3.67 2.14 18.38
C TYR D 90 -3.41 3.55 17.91
N THR D 91 -2.15 3.85 17.60
CA THR D 91 -1.73 5.19 17.22
C THR D 91 -1.42 5.34 15.75
N THR D 92 -1.69 4.29 14.94
CA THR D 92 -1.52 4.24 13.49
C THR D 92 -0.09 4.49 13.01
N ASN D 93 0.90 4.42 13.88
CA ASN D 93 2.27 4.59 13.45
C ASN D 93 2.80 3.30 12.87
N LYS D 94 3.75 3.42 11.95
CA LYS D 94 4.40 2.26 11.38
C LYS D 94 5.60 1.93 12.23
N VAL D 95 5.50 0.85 13.01
CA VAL D 95 6.60 0.41 13.85
C VAL D 95 7.77 -0.08 13.01
N HIS D 96 7.50 -0.69 11.86
CA HIS D 96 8.59 -1.25 11.08
C HIS D 96 8.24 -1.26 9.60
N ALA D 97 9.28 -1.24 8.77
CA ALA D 97 9.13 -1.35 7.32
C ALA D 97 10.24 -2.25 6.80
N ILE D 98 9.86 -3.38 6.24
CA ILE D 98 10.74 -4.47 5.86
C ILE D 98 10.73 -4.55 4.33
N PRO D 99 11.81 -4.16 3.66
CA PRO D 99 11.89 -4.35 2.21
C PRO D 99 12.17 -5.81 1.88
N LEU D 100 11.33 -6.39 1.04
CA LEU D 100 11.40 -7.81 0.75
C LEU D 100 12.36 -8.08 -0.39
N ARG D 101 12.74 -9.35 -0.54
CA ARG D 101 13.63 -9.74 -1.62
C ARG D 101 12.86 -10.01 -2.91
N SER D 102 11.60 -10.44 -2.80
CA SER D 102 10.75 -10.65 -3.95
C SER D 102 9.45 -9.88 -3.73
N SER D 103 8.98 -9.21 -4.77
CA SER D 103 7.83 -8.33 -4.64
C SER D 103 6.51 -9.07 -4.60
N TRP D 104 6.47 -10.36 -4.93
CA TRP D 104 5.23 -11.08 -5.14
C TRP D 104 4.89 -11.87 -3.88
N VAL D 105 4.40 -11.17 -2.88
CA VAL D 105 4.14 -11.76 -1.58
C VAL D 105 2.64 -11.91 -1.41
N MET D 106 2.19 -13.15 -1.20
CA MET D 106 0.78 -13.47 -1.13
C MET D 106 0.36 -13.90 0.26
N THR D 107 1.29 -13.98 1.21
CA THR D 107 0.94 -14.35 2.57
C THR D 107 1.95 -13.78 3.55
N CYS D 108 1.48 -13.57 4.78
CA CYS D 108 2.32 -13.10 5.86
C CYS D 108 1.74 -13.60 7.17
N ALA D 109 2.61 -13.72 8.17
CA ALA D 109 2.19 -14.25 9.46
C ALA D 109 3.10 -13.70 10.54
N TYR D 110 2.53 -13.46 11.71
CA TYR D 110 3.22 -12.86 12.83
C TYR D 110 3.30 -13.89 13.95
N ALA D 111 4.52 -14.12 14.45
CA ALA D 111 4.76 -15.16 15.43
C ALA D 111 4.08 -14.85 16.77
N PRO D 112 3.54 -15.85 17.46
CA PRO D 112 2.89 -15.59 18.75
C PRO D 112 3.86 -15.36 19.89
N SER D 113 5.16 -15.47 19.64
CA SER D 113 6.17 -15.01 20.58
C SER D 113 6.51 -13.55 20.35
N GLY D 114 6.09 -12.97 19.24
CA GLY D 114 6.32 -11.58 18.93
C GLY D 114 7.63 -11.29 18.24
N ASN D 115 8.62 -12.17 18.38
CA ASN D 115 9.96 -11.82 17.94
C ASN D 115 10.15 -11.98 16.44
N TYR D 116 9.41 -12.88 15.80
CA TYR D 116 9.66 -13.23 14.42
C TYR D 116 8.48 -12.86 13.54
N VAL D 117 8.74 -12.77 12.24
CA VAL D 117 7.69 -12.58 11.25
C VAL D 117 8.09 -13.40 10.03
N ALA D 118 7.09 -13.78 9.22
CA ALA D 118 7.37 -14.59 8.04
C ALA D 118 6.49 -14.14 6.90
N CYS D 119 6.99 -14.34 5.68
CA CYS D 119 6.25 -13.97 4.49
C CYS D 119 6.66 -14.85 3.33
N GLY D 120 5.76 -15.01 2.37
CA GLY D 120 6.05 -15.81 1.20
C GLY D 120 5.03 -15.54 0.11
N GLY D 121 5.26 -16.18 -1.02
CA GLY D 121 4.38 -15.96 -2.16
C GLY D 121 4.84 -16.69 -3.40
N LEU D 122 4.91 -15.98 -4.52
CA LEU D 122 5.27 -16.55 -5.80
C LEU D 122 6.73 -16.90 -5.94
N ASP D 123 7.56 -16.66 -4.93
CA ASP D 123 8.96 -17.04 -5.04
C ASP D 123 9.21 -18.49 -4.66
N ASN D 124 8.18 -19.18 -4.13
CA ASN D 124 8.21 -20.52 -3.54
C ASN D 124 9.11 -20.61 -2.32
N ILE D 125 9.52 -19.50 -1.73
CA ILE D 125 10.38 -19.48 -0.55
C ILE D 125 9.62 -18.79 0.56
N CYS D 126 9.75 -19.31 1.78
CA CYS D 126 9.16 -18.68 2.95
C CYS D 126 10.28 -18.00 3.74
N SER D 127 10.34 -16.68 3.69
CA SER D 127 11.39 -15.97 4.40
C SER D 127 10.92 -15.62 5.80
N ILE D 128 11.87 -15.65 6.75
CA ILE D 128 11.58 -15.45 8.16
C ILE D 128 12.56 -14.42 8.69
N TYR D 129 12.01 -13.30 9.17
CA TYR D 129 12.72 -12.13 9.64
C TYR D 129 12.67 -12.06 11.16
N ASN D 130 13.79 -11.68 11.76
CA ASN D 130 13.93 -11.52 13.20
C ASN D 130 13.77 -10.03 13.52
N LEU D 131 12.66 -9.67 14.17
CA LEU D 131 12.38 -8.26 14.44
C LEU D 131 13.24 -7.72 15.57
N LYS D 132 13.13 -8.32 16.75
CA LYS D 132 13.81 -7.84 17.95
C LYS D 132 15.26 -8.26 17.84
N THR D 133 16.07 -7.34 17.31
CA THR D 133 17.45 -7.59 16.97
C THR D 133 18.34 -6.63 17.76
N ARG D 134 19.54 -7.10 18.10
CA ARG D 134 20.49 -6.24 18.80
C ARG D 134 21.10 -5.20 17.88
N GLU D 135 21.00 -5.37 16.56
CA GLU D 135 21.63 -4.46 15.61
C GLU D 135 20.69 -3.41 15.06
N GLY D 136 19.45 -3.35 15.54
CA GLY D 136 18.59 -2.22 15.23
C GLY D 136 17.57 -2.43 14.14
N ASN D 137 17.95 -3.08 13.04
CA ASN D 137 17.08 -3.24 11.89
C ASN D 137 16.46 -4.62 11.86
N VAL D 138 15.38 -4.75 11.09
CA VAL D 138 14.74 -6.04 10.87
C VAL D 138 15.54 -6.79 9.81
N ARG D 139 16.25 -7.82 10.23
CA ARG D 139 17.12 -8.60 9.37
C ARG D 139 16.52 -9.97 9.17
N VAL D 140 16.75 -10.54 7.97
CA VAL D 140 16.20 -11.85 7.66
C VAL D 140 16.97 -12.92 8.44
N SER D 141 16.26 -13.71 9.23
CA SER D 141 16.89 -14.82 9.92
C SER D 141 17.23 -15.92 8.94
N ARG D 142 16.21 -16.50 8.30
CA ARG D 142 16.48 -17.53 7.30
C ARG D 142 15.28 -17.74 6.40
N GLU D 143 15.54 -18.32 5.23
CA GLU D 143 14.50 -18.62 4.26
C GLU D 143 14.37 -20.13 4.09
N LEU D 144 13.13 -20.58 3.91
CA LEU D 144 12.78 -21.99 3.81
C LEU D 144 12.41 -22.29 2.38
N ALA D 145 13.23 -23.09 1.71
CA ALA D 145 13.14 -23.37 0.27
C ALA D 145 13.02 -24.88 0.06
N GLY D 146 11.79 -25.38 0.04
CA GLY D 146 11.57 -26.78 -0.24
C GLY D 146 10.32 -27.04 -1.04
N HIS D 147 9.60 -25.99 -1.36
CA HIS D 147 8.37 -26.10 -2.13
C HIS D 147 8.64 -25.85 -3.60
N THR D 148 7.74 -26.34 -4.45
CA THR D 148 7.84 -26.12 -5.88
C THR D 148 6.82 -25.13 -6.40
N GLY D 149 5.57 -25.23 -5.99
CA GLY D 149 4.61 -24.21 -6.30
C GLY D 149 4.76 -23.00 -5.39
N TYR D 150 3.96 -21.98 -5.67
CA TYR D 150 3.87 -20.83 -4.78
C TYR D 150 3.29 -21.28 -3.45
N LEU D 151 3.71 -20.62 -2.37
CA LEU D 151 3.18 -20.93 -1.05
C LEU D 151 2.14 -19.90 -0.68
N SER D 152 0.99 -20.37 -0.23
CA SER D 152 -0.20 -19.54 -0.12
C SER D 152 -0.53 -19.13 1.30
N CYS D 153 0.05 -19.77 2.31
CA CYS D 153 -0.26 -19.41 3.68
C CYS D 153 0.91 -19.82 4.57
N CYS D 154 1.11 -19.06 5.63
CA CYS D 154 2.12 -19.34 6.62
C CYS D 154 1.48 -19.24 8.00
N ARG D 155 1.88 -20.10 8.91
CA ARG D 155 1.36 -20.07 10.27
C ARG D 155 2.45 -20.51 11.22
N PHE D 156 2.87 -19.61 12.10
CA PHE D 156 3.72 -19.99 13.21
C PHE D 156 2.89 -20.75 14.23
N LEU D 157 3.35 -21.93 14.64
CA LEU D 157 2.66 -22.63 15.72
C LEU D 157 3.35 -22.43 17.06
N ASP D 158 4.67 -22.56 17.13
CA ASP D 158 5.46 -21.86 18.12
C ASP D 158 6.61 -21.20 17.39
N ASP D 159 7.59 -20.70 18.15
CA ASP D 159 8.59 -19.81 17.58
C ASP D 159 9.62 -20.53 16.71
N ASN D 160 9.67 -21.87 16.74
CA ASN D 160 10.69 -22.59 15.99
C ASN D 160 10.15 -23.52 14.91
N GLN D 161 8.85 -23.51 14.65
CA GLN D 161 8.31 -24.34 13.58
C GLN D 161 7.09 -23.67 12.98
N ILE D 162 6.91 -23.89 11.67
CA ILE D 162 5.93 -23.14 10.88
C ILE D 162 5.39 -24.05 9.79
N VAL D 163 4.07 -24.09 9.65
CA VAL D 163 3.40 -24.84 8.62
C VAL D 163 3.17 -23.93 7.41
N THR D 164 3.56 -24.41 6.23
CA THR D 164 3.49 -23.62 5.00
C THR D 164 2.69 -24.37 3.94
N SER D 165 1.43 -23.96 3.74
CA SER D 165 0.65 -24.43 2.60
C SER D 165 1.22 -23.93 1.28
N SER D 166 1.13 -24.74 0.24
CA SER D 166 1.73 -24.37 -1.03
C SER D 166 0.77 -24.69 -2.16
N GLY D 167 1.24 -24.48 -3.39
CA GLY D 167 0.46 -24.78 -4.57
C GLY D 167 0.75 -26.12 -5.21
N ASP D 168 1.66 -26.92 -4.64
CA ASP D 168 1.94 -28.24 -5.16
C ASP D 168 1.13 -29.34 -4.47
N THR D 169 -0.10 -28.99 -4.05
CA THR D 169 -1.01 -29.88 -3.31
C THR D 169 -0.37 -30.41 -2.03
N THR D 170 0.37 -29.55 -1.33
CA THR D 170 1.20 -30.03 -0.22
C THR D 170 1.34 -28.95 0.84
N CYS D 171 0.85 -29.22 2.05
CA CYS D 171 1.26 -28.47 3.22
C CYS D 171 2.51 -29.13 3.81
N ALA D 172 3.27 -28.37 4.59
CA ALA D 172 4.49 -28.88 5.18
C ALA D 172 4.58 -28.43 6.63
N LEU D 173 5.69 -28.77 7.28
CA LEU D 173 5.98 -28.36 8.64
C LEU D 173 7.49 -28.30 8.76
N TRP D 174 8.00 -27.13 9.14
CA TRP D 174 9.41 -26.81 9.01
C TRP D 174 10.10 -26.78 10.36
N ASP D 175 11.41 -26.60 10.33
CA ASP D 175 12.23 -26.42 11.53
C ASP D 175 13.20 -25.30 11.24
N ILE D 176 12.99 -24.15 11.87
CA ILE D 176 13.71 -22.94 11.50
C ILE D 176 15.15 -22.97 12.00
N GLU D 177 15.48 -23.80 12.98
CA GLU D 177 16.86 -23.88 13.44
C GLU D 177 17.77 -24.58 12.44
N THR D 178 17.22 -25.41 11.55
CA THR D 178 18.02 -26.12 10.56
C THR D 178 17.69 -25.76 9.13
N GLY D 179 16.48 -25.27 8.84
CA GLY D 179 16.11 -24.90 7.50
C GLY D 179 15.49 -25.99 6.67
N GLN D 180 15.27 -27.16 7.25
CA GLN D 180 14.70 -28.30 6.54
C GLN D 180 13.34 -28.64 7.11
N GLN D 181 12.48 -29.19 6.26
CA GLN D 181 11.16 -29.59 6.70
C GLN D 181 11.20 -30.96 7.37
N THR D 182 10.26 -31.17 8.27
CA THR D 182 10.19 -32.41 9.05
C THR D 182 8.99 -33.27 8.72
N THR D 183 7.88 -32.68 8.29
CA THR D 183 6.64 -33.43 8.09
C THR D 183 5.93 -32.89 6.86
N THR D 184 6.01 -33.62 5.75
CA THR D 184 5.34 -33.24 4.52
C THR D 184 3.95 -33.85 4.50
N PHE D 185 2.93 -33.01 4.36
CA PHE D 185 1.54 -33.44 4.45
C PHE D 185 1.00 -33.64 3.04
N THR D 186 1.41 -34.72 2.40
CA THR D 186 0.89 -35.06 1.07
C THR D 186 -0.49 -35.69 1.20
N GLY D 187 -1.33 -35.44 0.20
CA GLY D 187 -2.66 -36.00 0.24
C GLY D 187 -3.75 -35.14 -0.38
N HIS D 188 -3.42 -33.91 -0.76
CA HIS D 188 -4.37 -33.08 -1.48
C HIS D 188 -4.25 -33.31 -2.97
N THR D 189 -5.30 -32.94 -3.70
CA THR D 189 -5.30 -33.04 -5.15
C THR D 189 -5.37 -31.70 -5.85
N GLY D 190 -5.90 -30.67 -5.20
CA GLY D 190 -5.83 -29.32 -5.71
C GLY D 190 -4.78 -28.51 -4.98
N ASP D 191 -4.47 -27.34 -5.55
CA ASP D 191 -3.47 -26.45 -4.98
C ASP D 191 -3.95 -25.93 -3.64
N VAL D 192 -3.14 -26.06 -2.60
CA VAL D 192 -3.61 -25.80 -1.25
C VAL D 192 -3.68 -24.29 -1.03
N MET D 193 -4.88 -23.79 -0.75
CA MET D 193 -5.12 -22.35 -0.73
C MET D 193 -5.02 -21.74 0.65
N SER D 194 -5.48 -22.42 1.69
CA SER D 194 -5.41 -21.80 3.02
C SER D 194 -5.26 -22.87 4.10
N LEU D 195 -4.82 -22.44 5.28
CA LEU D 195 -4.74 -23.33 6.42
C LEU D 195 -5.05 -22.55 7.68
N SER D 196 -5.57 -23.26 8.68
CA SER D 196 -5.90 -22.67 9.97
C SER D 196 -5.39 -23.56 11.09
N LEU D 197 -4.71 -22.95 12.06
CA LEU D 197 -4.18 -23.67 13.21
C LEU D 197 -5.24 -23.73 14.32
N ALA D 198 -5.09 -24.74 15.17
CA ALA D 198 -6.03 -24.91 16.27
C ALA D 198 -5.73 -23.92 17.39
N PRO D 199 -6.73 -23.60 18.22
CA PRO D 199 -6.44 -22.84 19.44
C PRO D 199 -5.53 -23.58 20.40
N ASP D 200 -5.74 -24.88 20.59
CA ASP D 200 -4.81 -25.68 21.38
C ASP D 200 -3.51 -25.96 20.63
N THR D 201 -3.52 -25.79 19.31
CA THR D 201 -2.35 -25.86 18.42
C THR D 201 -1.69 -27.23 18.49
N ARG D 202 -2.46 -28.24 18.06
CA ARG D 202 -1.93 -29.57 17.86
C ARG D 202 -2.42 -30.23 16.58
N LEU D 203 -3.36 -29.62 15.86
CA LEU D 203 -3.92 -30.22 14.66
C LEU D 203 -4.48 -29.07 13.82
N PHE D 204 -4.08 -29.00 12.56
CA PHE D 204 -4.49 -27.90 11.72
C PHE D 204 -5.40 -28.40 10.60
N VAL D 205 -6.06 -27.46 9.95
CA VAL D 205 -7.00 -27.77 8.89
C VAL D 205 -6.54 -27.05 7.63
N SER D 206 -6.91 -27.59 6.48
CA SER D 206 -6.32 -27.12 5.23
C SER D 206 -7.35 -27.20 4.11
N GLY D 207 -7.37 -26.17 3.27
CA GLY D 207 -8.29 -26.13 2.15
C GLY D 207 -7.55 -25.84 0.86
N ALA D 208 -8.04 -26.47 -0.23
CA ALA D 208 -7.31 -26.51 -1.49
C ALA D 208 -8.17 -26.23 -2.71
N CYS D 209 -7.65 -26.48 -3.92
CA CYS D 209 -8.42 -26.31 -5.14
C CYS D 209 -9.16 -27.59 -5.57
N ASP D 210 -9.63 -28.39 -4.63
CA ASP D 210 -10.45 -29.54 -4.95
C ASP D 210 -11.70 -29.62 -4.08
N ALA D 211 -12.13 -28.48 -3.52
CA ALA D 211 -13.30 -28.35 -2.63
C ALA D 211 -13.21 -29.26 -1.41
N SER D 212 -11.99 -29.55 -0.96
CA SER D 212 -11.76 -30.51 0.10
C SER D 212 -10.96 -29.85 1.22
N ALA D 213 -11.47 -29.94 2.44
CA ALA D 213 -10.84 -29.35 3.61
C ALA D 213 -10.31 -30.48 4.48
N LYS D 214 -9.08 -30.92 4.19
CA LYS D 214 -8.49 -32.04 4.90
C LYS D 214 -7.86 -31.59 6.20
N LEU D 215 -7.98 -32.42 7.22
CA LEU D 215 -7.49 -32.11 8.56
C LEU D 215 -6.27 -32.96 8.85
N TRP D 216 -5.29 -32.38 9.53
CA TRP D 216 -4.06 -33.09 9.84
C TRP D 216 -3.69 -32.81 11.28
N ASP D 217 -2.84 -33.65 11.84
CA ASP D 217 -2.18 -33.35 13.10
C ASP D 217 -0.71 -33.04 12.82
N VAL D 218 -0.13 -32.17 13.65
CA VAL D 218 1.26 -31.78 13.45
C VAL D 218 2.23 -32.74 14.09
N ARG D 219 1.76 -33.63 14.97
CA ARG D 219 2.67 -34.47 15.73
C ARG D 219 3.05 -35.73 14.96
N GLU D 220 2.06 -36.48 14.50
CA GLU D 220 2.36 -37.71 13.77
C GLU D 220 2.69 -37.42 12.31
N GLY D 221 1.73 -36.88 11.56
CA GLY D 221 1.96 -36.56 10.17
C GLY D 221 0.90 -37.09 9.23
N MET D 222 -0.10 -37.76 9.80
CA MET D 222 -1.17 -38.37 9.02
C MET D 222 -2.33 -37.39 8.88
N CYS D 223 -3.13 -37.61 7.84
CA CYS D 223 -4.41 -36.93 7.73
C CYS D 223 -5.42 -37.61 8.63
N ARG D 224 -6.29 -36.81 9.24
CA ARG D 224 -7.25 -37.32 10.21
C ARG D 224 -8.63 -37.49 9.59
N GLN D 225 -9.22 -36.43 9.07
CA GLN D 225 -10.52 -36.46 8.42
C GLN D 225 -10.43 -35.69 7.11
N THR D 226 -11.50 -35.78 6.32
CA THR D 226 -11.57 -35.11 5.03
C THR D 226 -13.00 -34.65 4.81
N PHE D 227 -13.18 -33.38 4.52
CA PHE D 227 -14.50 -32.78 4.39
C PHE D 227 -14.74 -32.37 2.95
N THR D 228 -15.96 -32.58 2.47
CA THR D 228 -16.33 -32.19 1.11
C THR D 228 -17.80 -31.80 1.12
N GLY D 229 -18.08 -30.50 1.01
CA GLY D 229 -19.44 -30.02 0.90
C GLY D 229 -19.55 -28.82 -0.01
N HIS D 230 -18.45 -28.47 -0.66
CA HIS D 230 -18.40 -27.31 -1.54
C HIS D 230 -18.49 -27.74 -2.99
N GLU D 231 -18.95 -26.80 -3.83
CA GLU D 231 -19.07 -27.03 -5.26
C GLU D 231 -17.80 -26.63 -6.00
N SER D 232 -17.22 -25.49 -5.64
CA SER D 232 -16.07 -24.95 -6.34
C SER D 232 -14.88 -24.85 -5.38
N ASP D 233 -13.86 -24.13 -5.83
CA ASP D 233 -12.61 -23.92 -5.09
C ASP D 233 -12.86 -23.26 -3.74
N ILE D 234 -12.29 -23.85 -2.70
CA ILE D 234 -12.26 -23.27 -1.36
C ILE D 234 -10.92 -22.55 -1.17
N ASN D 235 -10.98 -21.30 -0.73
CA ASN D 235 -9.79 -20.47 -0.59
C ASN D 235 -9.73 -19.71 0.73
N ALA D 236 -10.57 -20.06 1.70
CA ALA D 236 -10.41 -19.49 3.04
C ALA D 236 -10.91 -20.49 4.07
N ILE D 237 -10.27 -20.50 5.24
CA ILE D 237 -10.64 -21.44 6.30
C ILE D 237 -10.27 -20.82 7.64
N CYS D 238 -11.03 -21.17 8.68
CA CYS D 238 -10.77 -20.64 10.02
C CYS D 238 -11.39 -21.53 11.08
N PHE D 239 -10.60 -21.90 12.09
CA PHE D 239 -11.11 -22.70 13.19
C PHE D 239 -12.10 -21.92 14.06
N PHE D 240 -12.88 -22.67 14.83
CA PHE D 240 -13.72 -22.11 15.88
C PHE D 240 -12.83 -21.70 17.06
N PRO D 241 -13.34 -20.86 17.96
CA PRO D 241 -12.54 -20.50 19.15
C PRO D 241 -12.13 -21.65 20.05
N ASN D 242 -12.84 -22.79 20.04
CA ASN D 242 -12.41 -23.90 20.88
C ASN D 242 -11.54 -24.90 20.13
N GLY D 243 -11.83 -25.12 18.84
CA GLY D 243 -11.11 -26.07 18.04
C GLY D 243 -11.89 -27.29 17.63
N ASN D 244 -13.21 -27.32 17.86
CA ASN D 244 -14.05 -28.45 17.49
C ASN D 244 -14.89 -28.18 16.26
N ALA D 245 -14.65 -27.06 15.58
CA ALA D 245 -15.35 -26.73 14.34
C ALA D 245 -14.47 -25.80 13.54
N PHE D 246 -14.83 -25.60 12.28
CA PHE D 246 -14.13 -24.64 11.44
C PHE D 246 -15.04 -24.23 10.30
N ALA D 247 -15.00 -22.96 9.95
CA ALA D 247 -15.77 -22.42 8.85
C ALA D 247 -14.89 -22.31 7.61
N THR D 248 -15.56 -22.43 6.46
CA THR D 248 -14.90 -22.59 5.17
C THR D 248 -15.53 -21.60 4.20
N GLY D 249 -14.70 -20.89 3.45
CA GLY D 249 -15.16 -19.93 2.47
C GLY D 249 -14.63 -20.30 1.09
N SER D 250 -15.57 -20.47 0.15
CA SER D 250 -15.24 -20.99 -1.16
C SER D 250 -15.62 -19.99 -2.25
N ASP D 251 -15.19 -20.30 -3.47
CA ASP D 251 -15.29 -19.38 -4.60
C ASP D 251 -16.70 -19.22 -5.17
N ASP D 252 -17.73 -19.77 -4.55
CA ASP D 252 -19.09 -19.64 -5.06
C ASP D 252 -20.00 -18.96 -4.05
N ALA D 253 -19.45 -17.95 -3.37
CA ALA D 253 -20.17 -17.10 -2.40
C ALA D 253 -20.78 -17.90 -1.25
N THR D 254 -20.13 -18.99 -0.86
CA THR D 254 -20.63 -19.83 0.22
C THR D 254 -19.54 -20.02 1.27
N CYS D 255 -19.87 -19.67 2.50
CA CYS D 255 -19.19 -20.18 3.69
C CYS D 255 -20.08 -21.23 4.31
N ARG D 256 -19.46 -22.28 4.83
CA ARG D 256 -20.19 -23.31 5.57
C ARG D 256 -19.33 -23.81 6.71
N LEU D 257 -19.99 -24.18 7.79
CA LEU D 257 -19.34 -24.58 9.03
C LEU D 257 -19.29 -26.10 9.11
N PHE D 258 -18.10 -26.66 9.08
CA PHE D 258 -17.90 -28.07 9.33
C PHE D 258 -17.62 -28.31 10.80
N ASP D 259 -17.87 -29.53 11.25
CA ASP D 259 -17.66 -29.92 12.63
C ASP D 259 -16.73 -31.11 12.68
N LEU D 260 -15.89 -31.15 13.72
CA LEU D 260 -14.84 -32.17 13.77
C LEU D 260 -15.38 -33.52 14.23
N ARG D 261 -16.12 -33.52 15.34
CA ARG D 261 -16.62 -34.79 15.87
C ARG D 261 -17.84 -35.28 15.10
N ALA D 262 -18.75 -34.37 14.73
CA ALA D 262 -19.92 -34.74 13.96
C ALA D 262 -19.58 -35.06 12.51
N ASP D 263 -18.43 -34.60 12.02
CA ASP D 263 -17.83 -34.93 10.72
C ASP D 263 -18.67 -34.47 9.53
N GLN D 264 -19.66 -33.61 9.75
CA GLN D 264 -20.54 -33.11 8.69
C GLN D 264 -20.38 -31.60 8.56
N GLU D 265 -21.23 -31.02 7.71
CA GLU D 265 -21.50 -29.60 7.79
C GLU D 265 -22.67 -29.40 8.75
N LEU D 266 -22.79 -28.19 9.27
CA LEU D 266 -23.92 -27.86 10.13
C LEU D 266 -24.80 -26.78 9.52
N MET D 267 -24.21 -25.66 9.09
CA MET D 267 -24.93 -24.64 8.36
C MET D 267 -24.14 -24.23 7.13
N THR D 268 -24.81 -23.51 6.23
CA THR D 268 -24.17 -22.85 5.10
C THR D 268 -24.66 -21.42 5.04
N TYR D 269 -23.87 -20.57 4.39
CA TYR D 269 -24.10 -19.13 4.39
C TYR D 269 -24.08 -18.62 2.97
N SER D 270 -25.23 -18.18 2.48
CA SER D 270 -25.34 -17.70 1.10
C SER D 270 -26.58 -16.84 0.96
N HIS D 271 -26.45 -15.75 0.22
CA HIS D 271 -27.59 -14.96 -0.26
C HIS D 271 -27.55 -14.96 -1.78
N ASP D 272 -28.68 -14.59 -2.38
CA ASP D 272 -28.80 -14.65 -3.84
C ASP D 272 -28.05 -13.52 -4.51
N ASN D 273 -28.03 -12.33 -3.90
CA ASN D 273 -27.29 -11.21 -4.49
C ASN D 273 -25.80 -11.40 -4.32
N ILE D 274 -25.37 -12.11 -3.28
CA ILE D 274 -23.96 -12.46 -3.10
C ILE D 274 -23.64 -13.58 -4.07
N ILE D 275 -22.89 -13.28 -5.12
CA ILE D 275 -22.49 -14.27 -6.11
C ILE D 275 -20.99 -14.40 -6.25
N CYS D 276 -20.21 -13.54 -5.61
CA CYS D 276 -18.76 -13.51 -5.76
C CYS D 276 -18.10 -14.23 -4.59
N GLY D 277 -16.92 -14.79 -4.85
CA GLY D 277 -16.28 -15.68 -3.90
C GLY D 277 -15.73 -14.97 -2.69
N ILE D 278 -15.43 -15.76 -1.68
CA ILE D 278 -14.85 -15.29 -0.43
C ILE D 278 -13.34 -15.27 -0.58
N THR D 279 -12.72 -14.18 -0.14
CA THR D 279 -11.26 -14.13 -0.11
C THR D 279 -10.66 -14.47 1.25
N SER D 280 -11.35 -14.13 2.34
CA SER D 280 -10.88 -14.51 3.67
C SER D 280 -12.08 -14.58 4.60
N VAL D 281 -11.93 -15.38 5.66
CA VAL D 281 -12.97 -15.62 6.65
C VAL D 281 -12.31 -15.68 8.02
N SER D 282 -13.03 -15.24 9.04
CA SER D 282 -12.52 -15.29 10.40
C SER D 282 -13.69 -15.32 11.38
N PHE D 283 -13.37 -15.55 12.64
CA PHE D 283 -14.37 -15.70 13.70
C PHE D 283 -14.19 -14.62 14.76
N SER D 284 -15.17 -14.52 15.65
CA SER D 284 -15.05 -13.66 16.82
C SER D 284 -14.32 -14.43 17.92
N LYS D 285 -14.29 -13.87 19.13
CA LYS D 285 -13.72 -14.61 20.25
C LYS D 285 -14.76 -15.51 20.89
N SER D 286 -16.04 -15.16 20.78
CA SER D 286 -17.12 -16.01 21.24
C SER D 286 -17.70 -16.88 20.15
N GLY D 287 -17.41 -16.59 18.89
CA GLY D 287 -17.89 -17.41 17.80
C GLY D 287 -19.34 -17.23 17.43
N ARG D 288 -20.02 -16.21 17.97
CA ARG D 288 -21.38 -15.94 17.53
C ARG D 288 -21.40 -15.35 16.13
N LEU D 289 -20.36 -14.62 15.76
CA LEU D 289 -20.28 -13.98 14.45
C LEU D 289 -19.18 -14.61 13.62
N LEU D 290 -19.53 -15.04 12.43
CA LEU D 290 -18.58 -15.29 11.37
C LEU D 290 -18.36 -13.98 10.62
N LEU D 291 -17.18 -13.82 10.03
CA LEU D 291 -16.87 -12.61 9.28
C LEU D 291 -16.28 -13.03 7.95
N ALA D 292 -16.87 -12.56 6.87
CA ALA D 292 -16.46 -12.98 5.54
C ALA D 292 -16.17 -11.78 4.67
N GLY D 293 -15.00 -11.78 4.03
CA GLY D 293 -14.64 -10.73 3.10
C GLY D 293 -14.81 -11.17 1.66
N TYR D 294 -15.81 -10.60 0.98
CA TYR D 294 -16.20 -11.03 -0.35
C TYR D 294 -15.43 -10.25 -1.42
N ASP D 295 -15.86 -10.40 -2.69
CA ASP D 295 -15.31 -9.64 -3.79
C ASP D 295 -16.24 -8.53 -4.27
N ASP D 296 -17.41 -8.36 -3.65
CA ASP D 296 -18.26 -7.20 -3.89
C ASP D 296 -17.87 -6.03 -3.03
N PHE D 297 -16.63 -6.04 -2.51
CA PHE D 297 -15.87 -5.02 -1.81
C PHE D 297 -16.33 -4.88 -0.36
N ASN D 298 -17.36 -5.61 0.06
CA ASN D 298 -17.91 -5.48 1.39
C ASN D 298 -17.66 -6.76 2.19
N CYS D 299 -17.41 -6.60 3.47
CA CYS D 299 -17.43 -7.74 4.37
C CYS D 299 -18.82 -7.91 4.93
N ASN D 300 -19.09 -9.10 5.45
CA ASN D 300 -20.36 -9.39 6.08
C ASN D 300 -20.11 -10.02 7.43
N VAL D 301 -20.91 -9.64 8.42
CA VAL D 301 -20.93 -10.33 9.70
C VAL D 301 -22.12 -11.29 9.68
N TRP D 302 -21.82 -12.57 9.57
CA TRP D 302 -22.82 -13.62 9.54
C TRP D 302 -23.12 -14.07 10.96
N ASP D 303 -24.41 -14.22 11.27
CA ASP D 303 -24.79 -14.87 12.51
C ASP D 303 -24.47 -16.34 12.38
N ALA D 304 -23.55 -16.85 13.19
CA ALA D 304 -23.12 -18.23 13.06
C ALA D 304 -24.12 -19.24 13.59
N LEU D 305 -25.26 -18.81 14.12
CA LEU D 305 -26.28 -19.72 14.61
C LEU D 305 -27.59 -19.60 13.85
N LYS D 306 -28.08 -18.37 13.63
CA LYS D 306 -29.31 -18.16 12.90
C LYS D 306 -29.11 -17.99 11.41
N ALA D 307 -27.87 -18.14 10.92
CA ALA D 307 -27.47 -18.25 9.51
C ALA D 307 -27.71 -17.01 8.67
N ASP D 308 -28.24 -15.94 9.23
CA ASP D 308 -28.43 -14.71 8.47
C ASP D 308 -27.24 -13.77 8.70
N ARG D 309 -27.23 -12.67 7.96
CA ARG D 309 -26.15 -11.70 8.07
C ARG D 309 -26.54 -10.59 9.03
N ALA D 310 -25.65 -10.30 9.98
CA ALA D 310 -25.89 -9.34 11.04
C ALA D 310 -25.45 -7.93 10.68
N GLY D 311 -25.00 -7.73 9.45
CA GLY D 311 -24.60 -6.40 9.02
C GLY D 311 -23.52 -6.49 7.96
N VAL D 312 -23.29 -5.35 7.33
CA VAL D 312 -22.30 -5.25 6.27
C VAL D 312 -21.17 -4.34 6.74
N LEU D 313 -20.06 -4.42 6.04
CA LEU D 313 -18.94 -3.50 6.21
C LEU D 313 -18.56 -3.01 4.83
N ALA D 314 -18.85 -1.74 4.56
CA ALA D 314 -18.51 -1.12 3.30
C ALA D 314 -17.50 -0.02 3.57
N GLY D 315 -16.72 0.32 2.55
CA GLY D 315 -15.70 1.34 2.72
C GLY D 315 -14.41 1.03 2.02
N HIS D 316 -14.39 -0.06 1.26
CA HIS D 316 -13.25 -0.41 0.43
C HIS D 316 -13.63 -0.24 -1.03
N ASP D 317 -12.77 0.43 -1.80
CA ASP D 317 -13.04 0.61 -3.21
C ASP D 317 -12.79 -0.66 -4.00
N ASN D 318 -11.87 -1.49 -3.54
CA ASN D 318 -11.52 -2.75 -4.19
C ASN D 318 -11.84 -3.90 -3.24
N ARG D 319 -11.50 -5.12 -3.66
CA ARG D 319 -11.94 -6.29 -2.91
C ARG D 319 -11.12 -6.48 -1.64
N VAL D 320 -11.74 -7.14 -0.66
CA VAL D 320 -11.16 -7.34 0.65
C VAL D 320 -10.36 -8.64 0.62
N SER D 321 -9.05 -8.53 0.47
CA SER D 321 -8.24 -9.72 0.28
C SER D 321 -7.76 -10.34 1.59
N CYS D 322 -7.87 -9.64 2.72
CA CYS D 322 -7.48 -10.27 3.97
C CYS D 322 -8.30 -9.70 5.12
N LEU D 323 -8.56 -10.55 6.10
CA LEU D 323 -9.46 -10.26 7.20
C LEU D 323 -8.88 -10.88 8.45
N GLY D 324 -8.97 -10.16 9.57
CA GLY D 324 -8.40 -10.67 10.80
C GLY D 324 -9.02 -10.09 12.05
N VAL D 325 -9.20 -10.91 13.08
CA VAL D 325 -9.76 -10.48 14.35
C VAL D 325 -8.71 -10.73 15.43
N THR D 326 -8.62 -9.80 16.38
CA THR D 326 -7.56 -9.81 17.38
C THR D 326 -7.69 -11.00 18.33
N ASP D 327 -6.65 -11.22 19.12
CA ASP D 327 -6.65 -12.34 20.04
C ASP D 327 -7.51 -12.09 21.28
N ASP D 328 -8.00 -10.88 21.48
CA ASP D 328 -8.98 -10.61 22.51
C ASP D 328 -10.29 -10.08 21.96
N GLY D 329 -10.43 -9.99 20.64
CA GLY D 329 -11.70 -9.65 20.04
C GLY D 329 -12.11 -8.20 20.16
N MET D 330 -11.16 -7.28 20.33
CA MET D 330 -11.53 -5.87 20.46
C MET D 330 -11.88 -5.24 19.12
N ALA D 331 -11.25 -5.68 18.03
CA ALA D 331 -11.41 -4.98 16.76
C ALA D 331 -11.17 -5.95 15.62
N VAL D 332 -11.45 -5.47 14.40
CA VAL D 332 -11.40 -6.27 13.18
C VAL D 332 -10.62 -5.51 12.12
N ALA D 333 -9.56 -6.09 11.61
CA ALA D 333 -8.84 -5.45 10.52
C ALA D 333 -9.24 -6.06 9.19
N THR D 334 -9.41 -5.20 8.20
CA THR D 334 -9.67 -5.58 6.82
C THR D 334 -8.61 -4.94 5.96
N GLY D 335 -7.78 -5.74 5.33
CA GLY D 335 -6.81 -5.25 4.36
C GLY D 335 -7.30 -5.56 2.96
N SER D 336 -7.20 -4.59 2.06
CA SER D 336 -7.88 -4.74 0.79
C SER D 336 -7.00 -4.29 -0.37
N TRP D 337 -7.49 -4.56 -1.58
CA TRP D 337 -6.72 -4.31 -2.80
C TRP D 337 -6.58 -2.84 -3.14
N ASP D 338 -7.35 -1.96 -2.50
CA ASP D 338 -7.21 -0.53 -2.72
C ASP D 338 -6.19 0.10 -1.79
N SER D 339 -5.19 -0.68 -1.36
CA SER D 339 -4.01 -0.27 -0.60
C SER D 339 -4.34 0.22 0.80
N PHE D 340 -5.53 -0.06 1.30
CA PHE D 340 -5.95 0.42 2.61
C PHE D 340 -6.22 -0.75 3.55
N LEU D 341 -5.82 -0.58 4.80
CA LEU D 341 -6.38 -1.34 5.89
C LEU D 341 -7.41 -0.50 6.62
N LYS D 342 -8.34 -1.17 7.26
CA LYS D 342 -9.39 -0.50 8.01
C LYS D 342 -9.64 -1.30 9.28
N ILE D 343 -9.53 -0.66 10.42
CA ILE D 343 -9.84 -1.27 11.71
C ILE D 343 -11.28 -0.92 12.05
N TRP D 344 -12.05 -1.90 12.49
CA TRP D 344 -13.48 -1.75 12.69
C TRP D 344 -13.86 -2.22 14.08
N ASN D 345 -14.62 -1.37 14.78
CA ASN D 345 -15.56 -1.74 15.84
C ASN D 345 -16.38 -0.51 16.18
N ASN E 5 1.52 -45.23 -13.66
CA ASN E 5 1.09 -46.02 -14.82
C ASN E 5 0.85 -47.47 -14.42
N THR E 6 1.85 -48.32 -14.65
CA THR E 6 1.76 -49.70 -14.22
C THR E 6 1.99 -49.87 -12.72
N ALA E 7 2.50 -48.84 -12.05
CA ALA E 7 2.64 -48.82 -10.60
C ALA E 7 1.47 -48.11 -9.94
N SER E 8 0.27 -48.23 -10.53
CA SER E 8 -0.92 -47.58 -10.02
C SER E 8 -1.38 -48.16 -8.69
N ILE E 9 -0.96 -49.39 -8.37
CA ILE E 9 -1.40 -50.08 -7.16
C ILE E 9 -0.90 -49.38 -5.90
N ALA E 10 0.22 -48.67 -5.98
CA ALA E 10 0.77 -47.99 -4.80
C ALA E 10 -0.10 -46.81 -4.40
N GLN E 11 -0.37 -45.89 -5.33
CA GLN E 11 -1.18 -44.73 -4.98
C GLN E 11 -2.65 -45.11 -4.82
N ALA E 12 -3.11 -46.17 -5.49
CA ALA E 12 -4.48 -46.61 -5.27
C ALA E 12 -4.65 -47.25 -3.91
N ARG E 13 -3.64 -48.02 -3.47
CA ARG E 13 -3.65 -48.59 -2.14
C ARG E 13 -3.52 -47.52 -1.06
N LYS E 14 -2.77 -46.45 -1.34
CA LYS E 14 -2.68 -45.37 -0.36
C LYS E 14 -3.99 -44.60 -0.27
N LEU E 15 -4.67 -44.37 -1.41
CA LEU E 15 -5.97 -43.71 -1.38
C LEU E 15 -7.00 -44.54 -0.62
N VAL E 16 -7.08 -45.85 -0.91
CA VAL E 16 -8.06 -46.68 -0.23
C VAL E 16 -7.66 -46.93 1.22
N GLU E 17 -6.36 -46.87 1.54
CA GLU E 17 -5.90 -47.09 2.90
C GLU E 17 -6.26 -45.90 3.78
N GLN E 18 -5.96 -44.69 3.31
CA GLN E 18 -6.35 -43.50 4.04
C GLN E 18 -7.86 -43.36 4.12
N LEU E 19 -8.57 -43.79 3.08
CA LEU E 19 -10.03 -43.68 3.11
C LEU E 19 -10.63 -44.69 4.09
N LYS E 20 -10.06 -45.88 4.18
CA LYS E 20 -10.55 -46.90 5.10
C LYS E 20 -10.13 -46.65 6.54
N MET E 21 -9.08 -45.87 6.77
CA MET E 21 -8.82 -45.44 8.15
C MET E 21 -9.61 -44.18 8.49
N GLU E 22 -9.99 -43.39 7.50
CA GLU E 22 -10.99 -42.35 7.71
C GLU E 22 -12.38 -42.92 7.90
N ALA E 23 -12.61 -44.20 7.58
CA ALA E 23 -13.87 -44.84 7.89
C ALA E 23 -14.03 -45.13 9.39
N ASN E 24 -12.96 -45.10 10.16
CA ASN E 24 -12.99 -45.47 11.59
C ASN E 24 -12.74 -44.22 12.43
N ILE E 25 -13.80 -43.47 12.69
CA ILE E 25 -13.80 -42.32 13.60
C ILE E 25 -15.09 -42.34 14.40
N ASP E 26 -14.95 -42.19 15.72
CA ASP E 26 -16.10 -42.06 16.62
C ASP E 26 -16.82 -40.77 16.26
N ARG E 27 -17.93 -40.91 15.54
CA ARG E 27 -18.74 -39.76 15.11
C ARG E 27 -19.82 -39.52 16.16
N ILE E 28 -19.53 -38.63 17.10
CA ILE E 28 -20.53 -38.14 18.03
C ILE E 28 -21.57 -37.37 17.24
N LYS E 29 -22.86 -37.66 17.49
CA LYS E 29 -23.93 -37.26 16.60
C LYS E 29 -24.17 -35.75 16.66
N VAL E 30 -24.87 -35.25 15.64
CA VAL E 30 -24.83 -33.85 15.25
C VAL E 30 -25.55 -32.97 16.28
N SER E 31 -26.65 -33.47 16.83
CA SER E 31 -27.45 -32.69 17.77
C SER E 31 -26.72 -32.40 19.08
N LYS E 32 -25.70 -33.19 19.42
CA LYS E 32 -24.88 -32.92 20.59
C LYS E 32 -23.73 -31.97 20.27
N ALA E 33 -23.11 -32.13 19.10
CA ALA E 33 -22.01 -31.25 18.70
C ALA E 33 -22.49 -29.82 18.50
N ALA E 34 -23.67 -29.66 17.90
CA ALA E 34 -24.28 -28.34 17.82
C ALA E 34 -24.69 -27.83 19.20
N ALA E 35 -25.03 -28.74 20.12
CA ALA E 35 -25.45 -28.33 21.46
C ALA E 35 -24.28 -27.74 22.24
N ASP E 36 -23.16 -28.44 22.30
CA ASP E 36 -22.05 -27.86 23.06
C ASP E 36 -21.30 -26.79 22.28
N LEU E 37 -21.44 -26.73 20.94
CA LEU E 37 -20.98 -25.55 20.21
C LEU E 37 -21.77 -24.31 20.61
N MET E 38 -23.11 -24.42 20.64
CA MET E 38 -23.95 -23.31 21.08
C MET E 38 -23.73 -23.00 22.56
N ALA E 39 -23.42 -24.02 23.37
CA ALA E 39 -23.17 -23.78 24.79
C ALA E 39 -21.85 -23.05 25.01
N TYR E 40 -20.82 -23.35 24.21
CA TYR E 40 -19.59 -22.58 24.29
C TYR E 40 -19.79 -21.17 23.76
N CYS E 41 -20.63 -21.02 22.73
CA CYS E 41 -20.87 -19.70 22.17
C CYS E 41 -21.68 -18.82 23.12
N GLU E 42 -22.53 -19.44 23.94
CA GLU E 42 -23.27 -18.68 24.94
C GLU E 42 -22.47 -18.44 26.20
N ALA E 43 -21.59 -19.38 26.57
CA ALA E 43 -20.81 -19.25 27.80
C ALA E 43 -19.73 -18.18 27.69
N HIS E 44 -19.31 -17.82 26.49
CA HIS E 44 -18.34 -16.75 26.30
C HIS E 44 -18.95 -15.52 25.65
N ALA E 45 -20.28 -15.43 25.62
CA ALA E 45 -20.95 -14.31 24.95
C ALA E 45 -20.90 -13.03 25.77
N LYS E 46 -20.62 -13.11 27.07
CA LYS E 46 -20.50 -11.91 27.88
C LYS E 46 -19.21 -11.16 27.59
N GLU E 47 -18.13 -11.89 27.29
CA GLU E 47 -16.80 -11.31 27.15
C GLU E 47 -16.43 -11.06 25.69
N ASP E 48 -17.41 -10.82 24.82
CA ASP E 48 -17.13 -10.51 23.43
C ASP E 48 -17.40 -9.03 23.20
N PRO E 49 -16.40 -8.24 22.83
CA PRO E 49 -16.63 -6.80 22.61
C PRO E 49 -17.38 -6.47 21.34
N LEU E 50 -17.64 -7.43 20.46
CA LEU E 50 -18.24 -7.12 19.17
C LEU E 50 -19.73 -7.41 19.11
N LEU E 51 -20.26 -8.23 20.01
CA LEU E 51 -21.69 -8.47 20.05
C LEU E 51 -22.43 -7.24 20.57
N THR E 52 -22.13 -6.84 21.77
CA THR E 52 -22.63 -5.61 22.35
C THR E 52 -21.66 -4.46 22.06
N PRO E 53 -22.15 -3.24 21.89
CA PRO E 53 -21.25 -2.10 21.71
C PRO E 53 -20.52 -1.77 23.01
N VAL E 54 -19.20 -1.65 22.92
CA VAL E 54 -18.36 -1.35 24.07
C VAL E 54 -18.39 0.15 24.32
N PRO E 55 -18.43 0.61 25.58
CA PRO E 55 -18.24 2.04 25.86
C PRO E 55 -16.86 2.50 25.46
N ALA E 56 -16.74 3.80 25.20
CA ALA E 56 -15.51 4.39 24.68
C ALA E 56 -14.42 4.53 25.73
N SER E 57 -14.73 4.32 27.01
CA SER E 57 -13.69 4.39 28.04
C SER E 57 -12.83 3.14 28.05
N GLU E 58 -13.42 1.97 27.77
CA GLU E 58 -12.67 0.74 27.68
C GLU E 58 -12.19 0.44 26.27
N ASN E 59 -12.66 1.18 25.28
CA ASN E 59 -12.22 0.99 23.91
C ASN E 59 -10.89 1.69 23.69
N PRO E 60 -9.83 0.98 23.28
CA PRO E 60 -8.56 1.65 22.96
C PRO E 60 -8.49 2.24 21.57
N PHE E 61 -9.59 2.22 20.82
CA PHE E 61 -9.66 2.85 19.50
C PHE E 61 -10.65 4.01 19.50
N ARG E 62 -10.61 4.84 20.55
CA ARG E 62 -11.62 5.87 20.72
C ARG E 62 -11.38 7.05 19.80
N GLU E 63 -10.23 7.70 19.92
CA GLU E 63 -9.94 8.92 19.18
C GLU E 63 -9.66 8.65 17.70
C01 IXO F . -14.06 38.33 -17.33
N02 IXO F . -12.64 38.75 -17.35
C03 IXO F . -12.05 38.56 -16.00
C04 IXO F . -12.57 40.20 -17.70
C05 IXO F . -11.87 37.94 -18.37
C06 IXO F . -10.44 38.28 -18.34
C07 IXO F . -9.29 38.55 -18.34
C08 IXO F . -7.87 38.88 -18.32
O09 IXO F . -7.08 37.70 -18.11
C10 IXO F . -6.36 37.27 -19.16
N11 IXO F . -5.38 37.91 -19.75
O12 IXO F . -5.02 37.16 -20.91
C13 IXO F . -5.61 35.84 -20.84
C14 IXO F . -6.66 35.93 -19.75
CAA Y01 G . -5.61 38.96 -34.68
CBA Y01 G . -5.99 37.89 -33.66
CAB Y01 G . -6.25 38.52 -32.31
CAN Y01 G . -4.93 36.80 -33.58
CAJ Y01 G . -5.24 35.67 -32.62
CAO Y01 G . -4.26 34.53 -32.72
CBB Y01 G . -4.36 33.69 -33.99
CAC Y01 G . -5.29 34.34 -35.00
CBE Y01 G . -2.97 33.38 -34.56
CAP Y01 G . -1.87 34.27 -33.91
CAQ Y01 G . -0.56 33.45 -33.90
CBG Y01 G . -0.90 32.21 -34.74
CBI Y01 G . -2.39 31.94 -34.45
CAE Y01 G . -2.62 31.39 -33.04
CAU Y01 G . -2.86 30.93 -35.51
CAS Y01 G . -2.01 29.66 -35.47
CBF Y01 G . -0.50 29.89 -35.59
CBD Y01 G . -0.01 30.98 -34.62
CAK Y01 G . 1.44 31.34 -34.94
CAI Y01 G . 2.27 30.14 -35.27
CAZ Y01 G . 1.80 28.91 -35.44
CAV Y01 G . 2.75 27.74 -35.59
CBH Y01 G . 0.32 28.59 -35.47
CAD Y01 G . -0.04 27.81 -34.19
CAT Y01 G . 0.05 27.70 -36.71
CAR Y01 G . 1.00 26.50 -36.82
CBC Y01 G . 2.44 26.93 -36.83
OAW Y01 G . 3.27 25.74 -36.78
CAY Y01 G . 4.39 25.72 -37.50
OAG Y01 G . 4.41 25.84 -38.69
CAM Y01 G . 5.61 25.54 -36.64
CAL Y01 G . 5.91 26.66 -35.66
CAX Y01 G . 7.31 27.24 -35.76
OAH Y01 G . 7.95 27.43 -34.71
OAF Y01 G . 7.76 27.48 -36.90
CAA Y01 H . -9.92 31.56 -3.61
CBA Y01 H . -9.58 30.22 -4.24
CAB Y01 H . -10.42 29.11 -3.61
CAN Y01 H . -8.09 29.91 -4.14
CAJ Y01 H . -7.52 29.07 -5.25
CAO Y01 H . -7.43 27.61 -4.90
CBB Y01 H . -6.19 26.88 -5.43
CAC Y01 H . -4.91 27.48 -4.84
CBE Y01 H . -6.31 25.37 -5.16
CAP Y01 H . -7.74 24.84 -5.47
CAQ Y01 H . -7.59 23.38 -5.95
CBG Y01 H . -6.13 23.05 -5.66
CBI Y01 H . -5.38 24.37 -5.92
CAE Y01 H . -5.33 24.73 -7.41
CAU Y01 H . -3.96 24.19 -5.36
CAS Y01 H . -3.26 22.97 -5.97
CBF Y01 H . -4.06 21.67 -5.81
CBD Y01 H . -5.50 21.82 -6.32
CAK Y01 H . -6.32 20.57 -6.00
CAI Y01 H . -5.56 19.31 -6.24
CAZ Y01 H . -4.23 19.22 -6.33
CAV Y01 H . -3.54 17.87 -6.31
CBH Y01 H . -3.33 20.44 -6.43
CAD Y01 H . -2.98 20.66 -7.91
CAT Y01 H . -2.06 20.14 -5.61
CAR Y01 H . -2.26 19.07 -4.55
CBC Y01 H . -2.59 17.73 -5.14
OAW Y01 H . -1.38 17.10 -5.65
CAY Y01 H . -0.44 16.75 -4.77
OAG Y01 H . 0.67 17.20 -4.76
CAM Y01 H . -0.95 15.73 -3.78
CAL Y01 H . -0.08 15.53 -2.55
CAX Y01 H . -0.70 14.64 -1.48
OAH Y01 H . -0.72 15.07 -0.30
OAF Y01 H . -1.16 13.54 -1.81
#